data_9UMR
#
_entry.id   9UMR
#
_cell.length_a   1.00
_cell.length_b   1.00
_cell.length_c   1.00
_cell.angle_alpha   90.00
_cell.angle_beta   90.00
_cell.angle_gamma   90.00
#
_symmetry.space_group_name_H-M   'P 1'
#
loop_
_entity.id
_entity.type
_entity.pdbx_description
1 polymer 'Muscarinic acetylcholine receptor M4,C5a anaphylatoxin chemotactic receptor 1'
2 polymer 'Guanine nucleotide-binding protein G(o) subunit alpha'
3 polymer 'Guanine nucleotide-binding protein G(I)/G(S)/G(T) subunit beta-1'
4 polymer 'Guanine nucleotide-binding protein G(I)/G(S)/G(O) subunit gamma-2'
5 polymer 'Antibody fragment - ScFv16'
6 polymer 'C5a-pep ligand'
#
loop_
_entity_poly.entity_id
_entity_poly.type
_entity_poly.pdbx_seq_one_letter_code
_entity_poly.pdbx_strand_id
1 'polypeptide(L)'
;MGKTIIALSYIFCLVFADYKDDDDAANFTPVNGSSGNQSVRLVTSSSLEVLFQGPGSDSFNYTTPDYGHYDDKDTLDLNT
PVDKTSNTLRVPDILALVIFAVVFLVGVLGNALVVWVTAFEAKRTINAIWFLNLAVADFLSCLALPILFTSIVQHHHWPF
GGAACSILPSLILLNMYASILLLATISADRFLLVFKPIWCQNFRGAGLAWIACAVAWGLALLLTIPSFLYRVVREEYFPP
KVLCGVDYSHDKRRERAVAIVRLVLGFLWPLLTLTICYTFILLRTWSRRATRSTKTLKVVVAVVASFFIFWLPYQVTGIM
MSFLEPSSPTFLLLKKLDSLCVSFAYINCCINPIIYVVAGQGFQGRLRKSLPSLLRNVLTEESVVRESKSFTRSTVDTMA
QKTQAV
;
D
2 'polypeptide(L)'
;MGHHHHHHENLYFQGTLSAEERAALERSKAIEKNLKEDGISAAKDVKLLLLGADNSGKSTIVKQMKIIHGGSGGSGGTTG
IVETHFTFKNLHFRLFDVGGQRSERKKWIHCFEDVTAIIFCVDLSDYDQVLHEDETTNRMHESLMLFDSICNNKFFIDTS
IILFLNKKDLFGEKIKKSPLTICFPEYTGPNTYEDAAAYIQAQFESKNRSPNKEIYCHMTCATDTNNAQVIFDAVTDIII
ANNLRGCGLY
;
B
3 'polypeptide(L)'
;MHHHHHHGSSGSELDQLRQEAEQLKNQIRDARKACADATLSQITNNIDPVGRIQMRTRRTLRGHLAKIYAMHWGTDSRLL
VSASQDGKLIIWDSYTTNKVHAIPLRSSWVMTCAYAPSGNYVACGGLDNICSIYNLKTREGNVRVSRELAGHTGYLSCCR
FLDDNQIVTSSGDTTCALWDIETGQQTTTFTGHTGDVMSLSLAPDTRLFVSGACDASAKLWDVREGMCRQTFTGHESDIN
AICFFPNGNAFATGSDDATCRLFDLRADQELMTYSHDNIICGITSVSFSKSGRLLLAGYDDFNCNVWDALKADRAGVLAG
HDNRVSCLGVTDDGMAVATGSWDSFLKIWN
;
C
4 'polypeptide(L)' MASNNTASIAQARKLVEQLKMEANIDRIKVSKAAADLMAYCEAHAKEDPLLTPVPASENPFREKKFFCAIL G
5 'polypeptide(L)'
;DVQLVESGGGLVQPGGSRKLSCSASGFAFSSFGMHWVRQAPEKGLEWVAYISSGSGTIYYADTVKGRFTISRDDPKNTLF
LQMTSLRSEDTAMYYCVRSIYYYGSSPFDFWGQGTTLTVSSGGGGSGGGGSGGGGSDIVMTQATSSVPVTPGESVSISCR
SSKSLLHSNGNTYLYWFLQRPGQSPQLLIYRMSNLASGVPDRFSGSGSGTAFTLTISRLEAEDVGVYYCMQHLEYPLTFG
AGTKLELK
;
H
6 'polypeptide(L)' (MEA)KP(ZAL)(ALC)(DAR) L
#
# COMPACT_ATOMS: atom_id res chain seq x y z
N THR A 88 -34.04 -50.80 -22.49
CA THR A 88 -34.86 -50.10 -21.50
C THR A 88 -34.14 -49.99 -20.17
N LEU A 89 -33.89 -48.76 -19.74
CA LEU A 89 -33.19 -48.52 -18.48
C LEU A 89 -34.07 -48.91 -17.30
N ARG A 90 -33.42 -49.31 -16.20
CA ARG A 90 -34.14 -49.74 -15.01
C ARG A 90 -34.39 -48.54 -14.10
N VAL A 91 -35.02 -48.81 -12.95
CA VAL A 91 -35.44 -47.73 -12.04
C VAL A 91 -34.25 -46.92 -11.50
N PRO A 92 -33.20 -47.54 -10.94
CA PRO A 92 -32.12 -46.70 -10.39
C PRO A 92 -31.43 -45.82 -11.42
N ASP A 93 -31.44 -46.22 -12.69
CA ASP A 93 -30.67 -45.50 -13.70
C ASP A 93 -31.19 -44.09 -13.91
N ILE A 94 -32.51 -43.93 -13.98
CA ILE A 94 -33.07 -42.60 -14.24
C ILE A 94 -32.84 -41.68 -13.05
N LEU A 95 -32.95 -42.21 -11.83
CA LEU A 95 -32.66 -41.42 -10.64
C LEU A 95 -31.20 -40.98 -10.62
N ALA A 96 -30.29 -41.90 -10.94
CA ALA A 96 -28.88 -41.55 -11.03
C ALA A 96 -28.64 -40.49 -12.09
N LEU A 97 -29.35 -40.60 -13.22
CA LEU A 97 -29.20 -39.64 -14.30
C LEU A 97 -29.61 -38.24 -13.86
N VAL A 98 -30.77 -38.12 -13.21
CA VAL A 98 -31.25 -36.80 -12.82
C VAL A 98 -30.37 -36.21 -11.71
N ILE A 99 -29.94 -37.04 -10.76
CA ILE A 99 -29.04 -36.55 -9.73
C ILE A 99 -27.73 -36.08 -10.35
N PHE A 100 -27.21 -36.83 -11.33
CA PHE A 100 -25.99 -36.44 -12.03
C PHE A 100 -26.16 -35.09 -12.70
N ALA A 101 -27.28 -34.87 -13.39
CA ALA A 101 -27.49 -33.61 -14.08
C ALA A 101 -27.55 -32.44 -13.11
N VAL A 102 -28.31 -32.60 -12.01
CA VAL A 102 -28.47 -31.51 -11.05
C VAL A 102 -27.13 -31.19 -10.40
N VAL A 103 -26.41 -32.22 -9.94
CA VAL A 103 -25.13 -31.97 -9.28
C VAL A 103 -24.14 -31.37 -10.27
N PHE A 104 -24.16 -31.81 -11.53
CA PHE A 104 -23.26 -31.24 -12.53
C PHE A 104 -23.47 -29.74 -12.67
N LEU A 105 -24.72 -29.34 -12.91
CA LEU A 105 -24.96 -27.91 -13.14
C LEU A 105 -24.62 -27.08 -11.91
N VAL A 106 -25.12 -27.50 -10.74
CA VAL A 106 -24.96 -26.68 -9.54
C VAL A 106 -23.49 -26.64 -9.12
N GLY A 107 -22.79 -27.76 -9.24
CA GLY A 107 -21.37 -27.78 -8.90
C GLY A 107 -20.54 -26.93 -9.83
N VAL A 108 -20.87 -26.96 -11.13
CA VAL A 108 -20.13 -26.12 -12.07
C VAL A 108 -20.27 -24.65 -11.71
N LEU A 109 -21.52 -24.20 -11.50
CA LEU A 109 -21.71 -22.78 -11.20
C LEU A 109 -21.03 -22.39 -9.89
N GLY A 110 -21.27 -23.17 -8.82
CA GLY A 110 -20.71 -22.83 -7.53
C GLY A 110 -19.19 -22.86 -7.53
N ASN A 111 -18.61 -23.86 -8.18
CA ASN A 111 -17.16 -23.98 -8.23
C ASN A 111 -16.53 -22.83 -9.00
N ALA A 112 -17.13 -22.46 -10.14
CA ALA A 112 -16.57 -21.32 -10.88
C ALA A 112 -16.62 -20.04 -10.05
N LEU A 113 -17.76 -19.80 -9.38
CA LEU A 113 -17.88 -18.60 -8.57
C LEU A 113 -16.86 -18.57 -7.44
N VAL A 114 -16.73 -19.70 -6.72
CA VAL A 114 -15.80 -19.75 -5.59
C VAL A 114 -14.36 -19.62 -6.07
N VAL A 115 -14.02 -20.28 -7.19
CA VAL A 115 -12.67 -20.20 -7.72
C VAL A 115 -12.31 -18.76 -8.06
N TRP A 116 -13.22 -18.05 -8.74
CA TRP A 116 -12.92 -16.66 -9.10
C TRP A 116 -12.76 -15.80 -7.84
N VAL A 117 -13.71 -15.90 -6.91
CA VAL A 117 -13.67 -15.04 -5.72
C VAL A 117 -12.41 -15.28 -4.92
N THR A 118 -12.05 -16.56 -4.71
CA THR A 118 -10.85 -16.88 -3.95
C THR A 118 -9.57 -16.49 -4.66
N ALA A 119 -9.44 -16.79 -5.96
CA ALA A 119 -8.24 -16.42 -6.70
C ALA A 119 -8.07 -14.91 -6.78
N PHE A 120 -9.14 -14.15 -6.59
CA PHE A 120 -8.99 -12.70 -6.50
C PHE A 120 -8.13 -12.31 -5.29
N GLU A 121 -8.32 -12.99 -4.16
CA GLU A 121 -7.67 -12.58 -2.92
C GLU A 121 -6.75 -13.66 -2.35
N ALA A 122 -5.93 -14.28 -3.19
CA ALA A 122 -4.99 -15.29 -2.76
C ALA A 122 -3.61 -14.73 -2.45
N LYS A 123 -3.44 -13.41 -2.47
CA LYS A 123 -2.12 -12.81 -2.26
C LYS A 123 -1.88 -12.45 -0.81
N ARG A 124 -2.77 -11.65 -0.22
CA ARG A 124 -2.57 -11.13 1.13
C ARG A 124 -3.40 -11.84 2.20
N THR A 125 -4.05 -12.96 1.85
CA THR A 125 -4.83 -13.71 2.82
C THR A 125 -4.38 -15.17 2.78
N ILE A 126 -3.96 -15.69 3.94
CA ILE A 126 -3.54 -17.08 4.03
C ILE A 126 -4.74 -18.02 3.92
N ASN A 127 -5.88 -17.63 4.48
CA ASN A 127 -7.03 -18.52 4.54
C ASN A 127 -7.60 -18.82 3.17
N ALA A 128 -7.41 -17.92 2.20
CA ALA A 128 -7.99 -18.11 0.87
C ALA A 128 -7.34 -19.27 0.12
N ILE A 129 -6.02 -19.44 0.27
CA ILE A 129 -5.33 -20.47 -0.51
C ILE A 129 -5.64 -21.86 -0.02
N TRP A 130 -6.21 -22.00 1.18
CA TRP A 130 -6.70 -23.31 1.61
C TRP A 130 -7.90 -23.76 0.79
N PHE A 131 -8.82 -22.83 0.53
CA PHE A 131 -10.03 -23.16 -0.23
C PHE A 131 -9.81 -23.06 -1.73
N LEU A 132 -8.75 -22.39 -2.18
CA LEU A 132 -8.47 -22.32 -3.61
C LEU A 132 -8.30 -23.72 -4.21
N ASN A 133 -7.44 -24.54 -3.59
CA ASN A 133 -7.19 -25.88 -4.11
C ASN A 133 -8.43 -26.75 -4.01
N LEU A 134 -9.17 -26.64 -2.91
CA LEU A 134 -10.42 -27.39 -2.77
C LEU A 134 -11.38 -27.06 -3.90
N ALA A 135 -11.60 -25.77 -4.17
CA ALA A 135 -12.52 -25.38 -5.23
C ALA A 135 -12.04 -25.84 -6.59
N VAL A 136 -10.73 -25.73 -6.86
CA VAL A 136 -10.20 -26.14 -8.16
C VAL A 136 -10.38 -27.65 -8.36
N ALA A 137 -10.02 -28.44 -7.35
CA ALA A 137 -10.15 -29.88 -7.47
C ALA A 137 -11.61 -30.30 -7.62
N ASP A 138 -12.50 -29.68 -6.87
CA ASP A 138 -13.92 -30.02 -6.98
C ASP A 138 -14.47 -29.65 -8.35
N PHE A 139 -14.06 -28.50 -8.89
CA PHE A 139 -14.48 -28.10 -10.23
C PHE A 139 -13.99 -29.09 -11.28
N LEU A 140 -12.73 -29.50 -11.19
CA LEU A 140 -12.18 -30.46 -12.15
C LEU A 140 -12.91 -31.80 -12.05
N SER A 141 -13.22 -32.24 -10.83
CA SER A 141 -13.95 -33.48 -10.67
C SER A 141 -15.36 -33.40 -11.24
N CYS A 142 -16.03 -32.26 -11.03
CA CYS A 142 -17.41 -32.13 -11.51
C CYS A 142 -17.48 -31.92 -13.02
N LEU A 143 -16.39 -31.45 -13.63
CA LEU A 143 -16.42 -31.17 -15.06
C LEU A 143 -16.56 -32.43 -15.92
N ALA A 144 -16.18 -33.60 -15.40
CA ALA A 144 -16.10 -34.81 -16.20
C ALA A 144 -17.35 -35.67 -16.11
N LEU A 145 -18.43 -35.16 -15.51
CA LEU A 145 -19.69 -35.89 -15.38
C LEU A 145 -20.33 -36.31 -16.70
N PRO A 146 -20.35 -35.47 -17.76
CA PRO A 146 -21.04 -35.88 -19.00
C PRO A 146 -20.48 -37.15 -19.63
N ILE A 147 -19.22 -37.48 -19.34
CA ILE A 147 -18.67 -38.74 -19.80
C ILE A 147 -19.44 -39.91 -19.19
N LEU A 148 -19.62 -39.87 -17.87
CA LEU A 148 -20.44 -40.88 -17.21
C LEU A 148 -21.89 -40.82 -17.69
N PHE A 149 -22.38 -39.60 -17.97
CA PHE A 149 -23.73 -39.44 -18.48
C PHE A 149 -23.93 -40.24 -19.78
N THR A 150 -23.02 -40.05 -20.74
CA THR A 150 -23.12 -40.77 -22.01
C THR A 150 -22.85 -42.26 -21.81
N SER A 151 -21.99 -42.62 -20.87
CA SER A 151 -21.71 -44.03 -20.63
C SER A 151 -22.90 -44.76 -20.03
N ILE A 152 -23.73 -44.08 -19.23
CA ILE A 152 -24.85 -44.72 -18.56
C ILE A 152 -26.14 -44.61 -19.36
N VAL A 153 -26.28 -43.56 -20.19
CA VAL A 153 -27.50 -43.42 -20.98
C VAL A 153 -27.63 -44.56 -21.98
N GLN A 154 -26.51 -45.03 -22.50
CA GLN A 154 -26.47 -46.20 -23.36
C GLN A 154 -25.86 -47.38 -22.60
N HIS A 155 -25.90 -48.55 -23.23
CA HIS A 155 -25.45 -49.79 -22.59
C HIS A 155 -23.95 -49.95 -22.81
N HIS A 156 -23.17 -49.36 -21.90
CA HIS A 156 -21.71 -49.50 -21.87
C HIS A 156 -21.07 -49.10 -23.20
N HIS A 157 -21.45 -47.91 -23.67
CA HIS A 157 -20.90 -47.38 -24.91
C HIS A 157 -19.54 -46.73 -24.63
N TRP A 158 -18.49 -47.23 -25.27
CA TRP A 158 -17.12 -46.74 -25.08
C TRP A 158 -16.49 -46.46 -26.44
N PRO A 159 -16.86 -45.35 -27.08
CA PRO A 159 -16.26 -45.00 -28.39
C PRO A 159 -15.01 -44.14 -28.25
N PHE A 160 -14.05 -44.62 -27.45
CA PHE A 160 -12.83 -43.85 -27.25
C PHE A 160 -11.55 -44.68 -27.26
N GLY A 161 -11.63 -45.99 -27.51
CA GLY A 161 -10.44 -46.81 -27.60
C GLY A 161 -9.81 -47.12 -26.25
N GLY A 162 -8.68 -47.81 -26.30
CA GLY A 162 -7.98 -48.17 -25.08
C GLY A 162 -7.14 -47.07 -24.48
N ALA A 163 -6.71 -46.12 -25.31
CA ALA A 163 -5.89 -45.01 -24.80
C ALA A 163 -6.67 -44.19 -23.78
N ALA A 164 -7.94 -43.91 -24.06
CA ALA A 164 -8.78 -43.21 -23.09
C ALA A 164 -9.12 -44.12 -21.92
N CYS A 165 -9.39 -45.40 -22.19
CA CYS A 165 -9.72 -46.33 -21.13
C CYS A 165 -8.60 -46.47 -20.10
N SER A 166 -7.35 -46.26 -20.52
CA SER A 166 -6.23 -46.41 -19.60
C SER A 166 -6.08 -45.22 -18.66
N ILE A 167 -6.47 -44.03 -19.10
CA ILE A 167 -6.09 -42.79 -18.42
C ILE A 167 -7.29 -42.04 -17.85
N LEU A 168 -8.37 -41.91 -18.63
CA LEU A 168 -9.42 -40.95 -18.31
C LEU A 168 -10.06 -41.13 -16.93
N PRO A 169 -10.39 -42.34 -16.47
CA PRO A 169 -10.93 -42.48 -15.11
C PRO A 169 -10.02 -41.93 -14.02
N SER A 170 -8.70 -41.99 -14.24
CA SER A 170 -7.75 -41.63 -13.20
C SER A 170 -7.87 -40.16 -12.81
N LEU A 171 -8.30 -39.29 -13.72
CA LEU A 171 -8.42 -37.88 -13.39
C LEU A 171 -9.42 -37.65 -12.27
N ILE A 172 -10.65 -38.17 -12.43
CA ILE A 172 -11.64 -38.02 -11.38
C ILE A 172 -11.26 -38.85 -10.15
N LEU A 173 -10.70 -40.05 -10.34
CA LEU A 173 -10.32 -40.86 -9.19
C LEU A 173 -9.22 -40.19 -8.37
N LEU A 174 -8.46 -39.30 -8.99
CA LEU A 174 -7.47 -38.50 -8.27
C LEU A 174 -8.12 -37.28 -7.62
N ASN A 175 -9.08 -36.66 -8.32
CA ASN A 175 -9.71 -35.45 -7.79
C ASN A 175 -10.49 -35.74 -6.51
N MET A 176 -11.20 -36.86 -6.46
CA MET A 176 -11.93 -37.20 -5.23
C MET A 176 -11.00 -37.29 -4.02
N TYR A 177 -9.90 -38.02 -4.18
CA TYR A 177 -8.98 -38.22 -3.07
C TYR A 177 -8.28 -36.91 -2.70
N ALA A 178 -7.96 -36.08 -3.69
CA ALA A 178 -7.38 -34.78 -3.39
C ALA A 178 -8.33 -33.94 -2.56
N SER A 179 -9.62 -33.94 -2.92
CA SER A 179 -10.60 -33.17 -2.15
C SER A 179 -10.70 -33.67 -0.71
N ILE A 180 -10.74 -35.00 -0.54
CA ILE A 180 -10.86 -35.56 0.81
C ILE A 180 -9.65 -35.16 1.66
N LEU A 181 -8.45 -35.33 1.11
CA LEU A 181 -7.25 -35.00 1.88
C LEU A 181 -7.17 -33.50 2.17
N LEU A 182 -7.66 -32.66 1.26
CA LEU A 182 -7.68 -31.23 1.51
C LEU A 182 -8.63 -30.88 2.65
N LEU A 183 -9.80 -31.52 2.70
CA LEU A 183 -10.70 -31.31 3.84
C LEU A 183 -10.04 -31.70 5.15
N ALA A 184 -9.36 -32.85 5.16
CA ALA A 184 -8.69 -33.29 6.38
C ALA A 184 -7.61 -32.30 6.82
N THR A 185 -6.81 -31.80 5.86
CA THR A 185 -5.75 -30.86 6.24
C THR A 185 -6.31 -29.51 6.66
N ILE A 186 -7.47 -29.10 6.12
CA ILE A 186 -8.12 -27.88 6.60
C ILE A 186 -8.56 -28.05 8.06
N SER A 187 -9.13 -29.21 8.39
CA SER A 187 -9.50 -29.47 9.78
C SER A 187 -8.28 -29.42 10.70
N ALA A 188 -7.17 -30.03 10.26
CA ALA A 188 -5.96 -30.00 11.07
C ALA A 188 -5.45 -28.56 11.25
N ASP A 189 -5.56 -27.74 10.20
CA ASP A 189 -5.13 -26.35 10.30
C ASP A 189 -5.98 -25.59 11.31
N ARG A 190 -7.29 -25.79 11.30
CA ARG A 190 -8.14 -25.14 12.29
C ARG A 190 -7.77 -25.58 13.71
N PHE A 191 -7.52 -26.87 13.89
CA PHE A 191 -7.09 -27.35 15.21
C PHE A 191 -5.81 -26.67 15.65
N LEU A 192 -4.82 -26.56 14.75
CA LEU A 192 -3.57 -25.92 15.10
C LEU A 192 -3.73 -24.42 15.32
N LEU A 193 -4.78 -23.80 14.77
CA LEU A 193 -5.05 -22.40 15.06
C LEU A 193 -5.64 -22.21 16.44
N VAL A 194 -6.60 -23.05 16.85
CA VAL A 194 -7.24 -22.84 18.15
C VAL A 194 -6.27 -23.12 19.29
N PHE A 195 -5.56 -24.24 19.24
CA PHE A 195 -4.53 -24.56 20.22
C PHE A 195 -3.19 -23.99 19.76
N LYS A 196 -2.30 -23.74 20.73
CA LYS A 196 -0.99 -23.15 20.45
C LYS A 196 -1.14 -21.88 19.62
N PRO A 197 -1.65 -20.79 20.21
CA PRO A 197 -1.96 -19.60 19.40
C PRO A 197 -0.77 -18.67 19.20
N ILE A 198 0.28 -18.85 20.01
CA ILE A 198 1.46 -18.00 19.89
C ILE A 198 2.42 -18.54 18.84
N TRP A 199 2.53 -19.86 18.71
CA TRP A 199 3.39 -20.43 17.68
C TRP A 199 2.87 -20.13 16.29
N CYS A 200 1.56 -19.91 16.15
CA CYS A 200 0.96 -19.59 14.87
C CYS A 200 1.05 -18.12 14.50
N GLN A 201 1.64 -17.29 15.37
CA GLN A 201 1.80 -15.88 15.10
C GLN A 201 3.21 -15.52 14.66
N ASN A 202 4.23 -16.20 15.19
CA ASN A 202 5.61 -15.92 14.83
C ASN A 202 6.11 -16.83 13.72
N PHE A 203 5.60 -18.06 13.63
CA PHE A 203 6.13 -19.03 12.68
C PHE A 203 5.05 -19.61 11.77
N ARG A 204 4.16 -18.76 11.24
CA ARG A 204 3.15 -19.21 10.30
C ARG A 204 3.15 -18.27 9.10
N GLY A 205 3.17 -18.85 7.90
CA GLY A 205 3.18 -18.06 6.68
C GLY A 205 2.56 -18.78 5.51
N ALA A 206 2.68 -18.19 4.31
CA ALA A 206 2.11 -18.79 3.12
C ALA A 206 2.91 -19.99 2.61
N GLY A 207 4.21 -20.03 2.88
CA GLY A 207 5.02 -21.15 2.42
C GLY A 207 4.61 -22.47 3.02
N LEU A 208 4.31 -22.47 4.33
CA LEU A 208 3.88 -23.70 4.98
C LEU A 208 2.55 -24.19 4.41
N ALA A 209 1.62 -23.28 4.19
CA ALA A 209 0.33 -23.67 3.61
C ALA A 209 0.49 -24.21 2.20
N TRP A 210 1.35 -23.57 1.39
CA TRP A 210 1.59 -24.07 0.04
C TRP A 210 2.22 -25.46 0.07
N ILE A 211 3.16 -25.69 0.99
CA ILE A 211 3.79 -27.01 1.10
C ILE A 211 2.77 -28.05 1.52
N ALA A 212 1.91 -27.71 2.49
CA ALA A 212 0.88 -28.66 2.92
C ALA A 212 -0.09 -29.00 1.80
N CYS A 213 -0.50 -27.98 1.03
CA CYS A 213 -1.39 -28.23 -0.11
C CYS A 213 -0.70 -29.09 -1.16
N ALA A 214 0.59 -28.86 -1.41
CA ALA A 214 1.33 -29.68 -2.35
C ALA A 214 1.41 -31.13 -1.90
N VAL A 215 1.66 -31.35 -0.61
CA VAL A 215 1.72 -32.72 -0.10
C VAL A 215 0.37 -33.41 -0.21
N ALA A 216 -0.71 -32.68 0.12
CA ALA A 216 -2.05 -33.25 0.01
C ALA A 216 -2.38 -33.61 -1.43
N TRP A 217 -1.99 -32.74 -2.38
CA TRP A 217 -2.20 -33.05 -3.79
C TRP A 217 -1.38 -34.24 -4.24
N GLY A 218 -0.12 -34.33 -3.81
CA GLY A 218 0.75 -35.40 -4.28
C GLY A 218 0.46 -36.75 -3.66
N LEU A 219 -0.22 -36.77 -2.51
CA LEU A 219 -0.53 -38.05 -1.88
C LEU A 219 -1.54 -38.88 -2.69
N ALA A 220 -2.23 -38.27 -3.64
CA ALA A 220 -3.20 -39.02 -4.44
C ALA A 220 -2.54 -39.81 -5.56
N LEU A 221 -1.30 -39.47 -5.91
CA LEU A 221 -0.60 -40.16 -7.00
C LEU A 221 -0.42 -41.64 -6.66
N LEU A 222 -0.03 -41.93 -5.41
CA LEU A 222 0.20 -43.31 -5.01
C LEU A 222 -1.08 -44.15 -5.12
N LEU A 223 -2.21 -43.57 -4.73
CA LEU A 223 -3.47 -44.28 -4.84
C LEU A 223 -3.93 -44.42 -6.28
N THR A 224 -3.59 -43.44 -7.13
CA THR A 224 -4.02 -43.48 -8.52
C THR A 224 -3.19 -44.46 -9.36
N ILE A 225 -1.92 -44.67 -9.00
CA ILE A 225 -1.03 -45.46 -9.87
C ILE A 225 -1.59 -46.84 -10.21
N PRO A 226 -2.12 -47.63 -9.29
CA PRO A 226 -2.64 -48.96 -9.68
C PRO A 226 -3.72 -48.90 -10.75
N SER A 227 -4.56 -47.87 -10.75
CA SER A 227 -5.54 -47.71 -11.82
C SER A 227 -4.84 -47.50 -13.16
N PHE A 228 -3.75 -46.73 -13.17
CA PHE A 228 -2.98 -46.57 -14.40
C PHE A 228 -2.38 -47.90 -14.85
N LEU A 229 -1.87 -48.69 -13.92
CA LEU A 229 -1.08 -49.86 -14.26
C LEU A 229 -1.90 -51.14 -14.46
N TYR A 230 -3.21 -51.12 -14.16
CA TYR A 230 -4.01 -52.33 -14.29
C TYR A 230 -5.34 -52.04 -14.98
N ARG A 231 -5.29 -51.29 -16.08
CA ARG A 231 -6.51 -50.97 -16.82
C ARG A 231 -6.33 -51.36 -18.28
N VAL A 232 -7.25 -52.16 -18.80
CA VAL A 232 -7.21 -52.66 -20.17
C VAL A 232 -8.61 -52.52 -20.78
N VAL A 233 -8.72 -52.93 -22.04
CA VAL A 233 -9.97 -52.86 -22.80
C VAL A 233 -10.21 -54.20 -23.46
N ARG A 234 -11.46 -54.66 -23.43
CA ARG A 234 -11.83 -55.96 -23.98
C ARG A 234 -12.88 -55.78 -25.07
N GLU A 235 -12.72 -56.54 -26.15
CA GLU A 235 -13.58 -56.47 -27.32
C GLU A 235 -14.47 -57.71 -27.39
N GLU A 236 -15.73 -57.50 -27.78
CA GLU A 236 -16.72 -58.57 -27.86
C GLU A 236 -17.06 -58.83 -29.31
N TYR A 237 -16.90 -60.08 -29.74
CA TYR A 237 -17.26 -60.51 -31.09
C TYR A 237 -18.72 -60.94 -31.20
N PHE A 238 -19.43 -60.99 -30.07
CA PHE A 238 -20.88 -61.13 -30.00
C PHE A 238 -21.46 -59.76 -30.39
N PRO A 239 -22.79 -59.55 -30.45
CA PRO A 239 -23.30 -58.33 -31.10
C PRO A 239 -22.69 -57.07 -30.51
N PRO A 240 -22.43 -56.06 -31.35
CA PRO A 240 -21.39 -55.06 -31.06
C PRO A 240 -21.47 -54.41 -29.69
N LYS A 241 -20.47 -54.68 -28.86
CA LYS A 241 -20.31 -54.06 -27.56
C LYS A 241 -18.83 -53.86 -27.28
N VAL A 242 -18.52 -52.82 -26.51
CA VAL A 242 -17.16 -52.53 -26.10
C VAL A 242 -17.13 -52.32 -24.60
N LEU A 243 -16.17 -52.99 -23.93
CA LEU A 243 -16.08 -52.96 -22.49
C LEU A 243 -14.73 -52.39 -22.06
N CYS A 244 -14.77 -51.45 -21.12
CA CYS A 244 -13.59 -50.89 -20.49
C CYS A 244 -13.69 -51.12 -18.99
N GLY A 245 -12.65 -51.72 -18.41
CA GLY A 245 -12.69 -52.03 -16.99
C GLY A 245 -11.35 -52.52 -16.49
N VAL A 246 -11.31 -52.78 -15.18
CA VAL A 246 -10.09 -53.22 -14.52
C VAL A 246 -9.98 -54.75 -14.62
N ASP A 247 -8.75 -55.25 -14.64
CA ASP A 247 -8.51 -56.68 -14.82
C ASP A 247 -7.21 -57.06 -14.10
N TYR A 248 -7.35 -57.86 -13.04
CA TYR A 248 -6.23 -58.55 -12.42
C TYR A 248 -6.34 -60.02 -12.81
N SER A 249 -5.55 -60.43 -13.80
CA SER A 249 -5.65 -61.78 -14.33
C SER A 249 -5.30 -62.83 -13.29
N HIS A 250 -4.13 -62.68 -12.65
CA HIS A 250 -3.69 -63.64 -11.64
C HIS A 250 -3.03 -62.94 -10.46
N ASP A 251 -3.54 -61.75 -10.10
CA ASP A 251 -2.97 -60.97 -9.02
C ASP A 251 -4.00 -60.72 -7.93
N LYS A 252 -4.70 -61.78 -7.50
CA LYS A 252 -5.80 -61.63 -6.55
C LYS A 252 -5.35 -60.95 -5.27
N ARG A 253 -4.19 -61.37 -4.74
CA ARG A 253 -3.69 -60.77 -3.51
C ARG A 253 -3.34 -59.30 -3.72
N ARG A 254 -2.85 -58.94 -4.91
CA ARG A 254 -2.57 -57.55 -5.22
C ARG A 254 -3.84 -56.72 -5.18
N GLU A 255 -4.92 -57.23 -5.80
CA GLU A 255 -6.19 -56.52 -5.77
C GLU A 255 -6.71 -56.38 -4.35
N ARG A 256 -6.65 -57.45 -3.55
CA ARG A 256 -7.07 -57.37 -2.16
C ARG A 256 -6.28 -56.34 -1.38
N ALA A 257 -4.95 -56.32 -1.53
CA ALA A 257 -4.09 -55.37 -0.85
C ALA A 257 -4.38 -53.94 -1.24
N VAL A 258 -4.53 -53.66 -2.53
CA VAL A 258 -4.77 -52.28 -2.95
C VAL A 258 -6.14 -51.82 -2.49
N ALA A 259 -7.15 -52.70 -2.56
CA ALA A 259 -8.48 -52.32 -2.09
C ALA A 259 -8.46 -52.02 -0.60
N ILE A 260 -7.80 -52.87 0.19
CA ILE A 260 -7.72 -52.65 1.63
C ILE A 260 -7.00 -51.34 1.94
N VAL A 261 -5.87 -51.09 1.26
CA VAL A 261 -5.10 -49.89 1.53
C VAL A 261 -5.91 -48.64 1.21
N ARG A 262 -6.54 -48.61 0.03
CA ARG A 262 -7.34 -47.45 -0.35
C ARG A 262 -8.49 -47.23 0.62
N LEU A 263 -9.26 -48.28 0.94
CA LEU A 263 -10.34 -48.15 1.90
C LEU A 263 -9.83 -47.58 3.22
N VAL A 264 -8.89 -48.29 3.85
CA VAL A 264 -8.40 -47.95 5.19
C VAL A 264 -7.94 -46.50 5.19
N LEU A 265 -6.96 -46.17 4.35
CA LEU A 265 -6.45 -44.81 4.36
C LEU A 265 -7.56 -43.81 4.06
N GLY A 266 -8.06 -43.83 2.83
CA GLY A 266 -8.90 -42.77 2.31
C GLY A 266 -10.25 -42.63 2.99
N PHE A 267 -10.65 -43.57 3.84
CA PHE A 267 -11.86 -43.36 4.62
C PHE A 267 -11.59 -43.23 6.11
N LEU A 268 -10.84 -44.16 6.71
CA LEU A 268 -10.66 -44.13 8.16
C LEU A 268 -9.83 -42.94 8.59
N TRP A 269 -8.73 -42.63 7.88
CA TRP A 269 -7.85 -41.57 8.38
C TRP A 269 -8.52 -40.21 8.39
N PRO A 270 -9.09 -39.70 7.28
CA PRO A 270 -9.71 -38.37 7.36
C PRO A 270 -10.87 -38.28 8.32
N LEU A 271 -11.72 -39.31 8.40
CA LEU A 271 -12.88 -39.24 9.29
C LEU A 271 -12.44 -39.10 10.75
N LEU A 272 -11.46 -39.90 11.16
CA LEU A 272 -10.94 -39.80 12.52
C LEU A 272 -10.30 -38.43 12.76
N THR A 273 -9.51 -37.94 11.80
CA THR A 273 -8.89 -36.64 11.97
C THR A 273 -9.94 -35.55 12.17
N LEU A 274 -10.94 -35.49 11.29
CA LEU A 274 -11.97 -34.46 11.42
C LEU A 274 -12.73 -34.59 12.73
N THR A 275 -13.16 -35.79 13.11
CA THR A 275 -13.98 -35.91 14.31
C THR A 275 -13.18 -35.52 15.55
N ILE A 276 -11.92 -35.96 15.66
CA ILE A 276 -11.12 -35.64 16.84
C ILE A 276 -10.85 -34.15 16.91
N CYS A 277 -10.39 -33.57 15.79
CA CYS A 277 -10.02 -32.16 15.78
C CYS A 277 -11.22 -31.28 16.10
N TYR A 278 -12.36 -31.56 15.48
CA TYR A 278 -13.54 -30.73 15.71
C TYR A 278 -14.10 -30.90 17.12
N THR A 279 -14.04 -32.12 17.68
CA THR A 279 -14.50 -32.30 19.06
C THR A 279 -13.63 -31.49 20.02
N PHE A 280 -12.30 -31.56 19.86
CA PHE A 280 -11.44 -30.77 20.74
C PHE A 280 -11.64 -29.28 20.54
N ILE A 281 -11.83 -28.83 19.30
CA ILE A 281 -12.05 -27.42 19.04
C ILE A 281 -13.32 -26.94 19.74
N LEU A 282 -14.40 -27.71 19.64
CA LEU A 282 -15.64 -27.31 20.30
C LEU A 282 -15.49 -27.32 21.81
N LEU A 283 -14.83 -28.33 22.36
CA LEU A 283 -14.66 -28.40 23.81
C LEU A 283 -13.87 -27.21 24.34
N ARG A 284 -12.80 -26.82 23.64
CA ARG A 284 -12.03 -25.67 24.09
C ARG A 284 -12.77 -24.36 23.85
N THR A 285 -13.48 -24.24 22.73
CA THR A 285 -14.21 -23.01 22.41
C THR A 285 -15.33 -22.74 23.41
N TRP A 286 -15.98 -23.78 23.92
CA TRP A 286 -17.11 -23.60 24.83
C TRP A 286 -16.69 -23.59 26.29
N SER A 287 -15.48 -23.10 26.60
CA SER A 287 -15.02 -22.99 27.97
C SER A 287 -14.83 -21.56 28.45
N ARG A 288 -14.81 -20.57 27.55
CA ARG A 288 -14.63 -19.18 27.92
C ARG A 288 -15.77 -18.34 27.34
N ARG A 289 -16.12 -17.28 28.08
CA ARG A 289 -17.25 -16.44 27.67
C ARG A 289 -16.95 -15.69 26.37
N ALA A 290 -15.71 -15.19 26.23
CA ALA A 290 -15.37 -14.38 25.05
C ALA A 290 -15.42 -15.18 23.76
N THR A 291 -14.95 -16.42 23.78
CA THR A 291 -14.84 -17.23 22.57
C THR A 291 -16.08 -18.07 22.30
N ARG A 292 -17.05 -18.09 23.21
CA ARG A 292 -18.23 -18.92 23.04
C ARG A 292 -19.09 -18.41 21.89
N SER A 293 -19.60 -19.35 21.09
CA SER A 293 -20.45 -19.01 19.95
C SER A 293 -21.31 -20.22 19.61
N THR A 294 -22.32 -19.99 18.77
CA THR A 294 -23.26 -21.02 18.37
C THR A 294 -23.06 -21.51 16.94
N LYS A 295 -22.54 -20.66 16.06
CA LYS A 295 -22.36 -21.03 14.65
C LYS A 295 -21.38 -22.18 14.50
N THR A 296 -20.40 -22.28 15.39
CA THR A 296 -19.39 -23.32 15.30
C THR A 296 -20.01 -24.71 15.39
N LEU A 297 -20.92 -24.91 16.33
CA LEU A 297 -21.57 -26.22 16.49
C LEU A 297 -22.33 -26.61 15.23
N LYS A 298 -23.11 -25.69 14.67
CA LYS A 298 -23.86 -25.99 13.46
C LYS A 298 -22.95 -26.33 12.29
N VAL A 299 -21.89 -25.54 12.09
CA VAL A 299 -20.97 -25.82 10.99
C VAL A 299 -20.32 -27.19 11.16
N VAL A 300 -19.86 -27.50 12.37
CA VAL A 300 -19.16 -28.77 12.61
C VAL A 300 -20.10 -29.95 12.36
N VAL A 301 -21.30 -29.90 12.93
CA VAL A 301 -22.21 -31.03 12.78
C VAL A 301 -22.61 -31.19 11.31
N ALA A 302 -22.87 -30.07 10.62
CA ALA A 302 -23.23 -30.17 9.21
C ALA A 302 -22.13 -30.83 8.40
N VAL A 303 -20.89 -30.37 8.57
CA VAL A 303 -19.78 -30.90 7.78
C VAL A 303 -19.61 -32.39 8.04
N VAL A 304 -19.52 -32.78 9.31
CA VAL A 304 -19.22 -34.17 9.64
C VAL A 304 -20.35 -35.09 9.20
N ALA A 305 -21.59 -34.71 9.49
CA ALA A 305 -22.73 -35.55 9.11
C ALA A 305 -22.83 -35.69 7.60
N SER A 306 -22.66 -34.59 6.86
CA SER A 306 -22.74 -34.67 5.41
C SER A 306 -21.67 -35.61 4.86
N PHE A 307 -20.42 -35.43 5.32
CA PHE A 307 -19.34 -36.29 4.84
C PHE A 307 -19.65 -37.76 5.09
N PHE A 308 -19.99 -38.11 6.33
CA PHE A 308 -20.20 -39.51 6.68
C PHE A 308 -21.36 -40.12 5.89
N ILE A 309 -22.52 -39.46 5.92
CA ILE A 309 -23.71 -40.02 5.30
C ILE A 309 -23.53 -40.13 3.78
N PHE A 310 -22.88 -39.15 3.17
CA PHE A 310 -22.78 -39.13 1.72
C PHE A 310 -21.59 -39.89 1.18
N TRP A 311 -20.69 -40.39 2.03
CA TRP A 311 -19.60 -41.21 1.53
C TRP A 311 -19.60 -42.65 2.04
N LEU A 312 -20.46 -43.01 3.00
CA LEU A 312 -20.46 -44.41 3.44
C LEU A 312 -20.85 -45.43 2.37
N PRO A 313 -22.00 -45.27 1.68
CA PRO A 313 -22.46 -46.35 0.78
C PRO A 313 -21.49 -46.68 -0.34
N TYR A 314 -20.86 -45.65 -0.91
CA TYR A 314 -19.94 -45.86 -2.03
C TYR A 314 -18.83 -46.83 -1.65
N GLN A 315 -18.13 -46.56 -0.55
CA GLN A 315 -17.03 -47.41 -0.14
C GLN A 315 -17.51 -48.77 0.37
N VAL A 316 -18.64 -48.82 1.10
CA VAL A 316 -19.08 -50.10 1.63
C VAL A 316 -19.48 -51.04 0.49
N THR A 317 -20.03 -50.50 -0.61
CA THR A 317 -20.35 -51.33 -1.76
C THR A 317 -19.09 -51.67 -2.56
N GLY A 318 -18.18 -50.71 -2.70
CA GLY A 318 -16.98 -50.94 -3.50
C GLY A 318 -16.09 -52.02 -2.93
N ILE A 319 -15.89 -52.01 -1.60
CA ILE A 319 -15.03 -53.02 -0.99
C ILE A 319 -15.64 -54.41 -1.16
N MET A 320 -16.96 -54.52 -0.99
CA MET A 320 -17.63 -55.81 -1.14
C MET A 320 -17.51 -56.33 -2.57
N MET A 321 -17.73 -55.46 -3.56
CA MET A 321 -17.68 -55.94 -4.94
C MET A 321 -16.25 -56.20 -5.39
N SER A 322 -15.26 -55.57 -4.75
CA SER A 322 -13.87 -55.87 -5.06
C SER A 322 -13.45 -57.22 -4.47
N PHE A 323 -13.88 -57.49 -3.24
CA PHE A 323 -13.54 -58.77 -2.61
C PHE A 323 -14.18 -59.94 -3.33
N LEU A 324 -15.42 -59.76 -3.79
CA LEU A 324 -16.24 -60.87 -4.24
C LEU A 324 -15.73 -61.54 -5.52
N GLU A 325 -16.13 -62.79 -5.73
CA GLU A 325 -15.79 -63.51 -6.96
C GLU A 325 -16.50 -62.87 -8.15
N PRO A 326 -15.89 -62.89 -9.33
CA PRO A 326 -16.55 -62.28 -10.51
C PRO A 326 -17.84 -62.97 -10.92
N SER A 327 -18.13 -64.14 -10.35
CA SER A 327 -19.32 -64.90 -10.70
C SER A 327 -20.14 -65.14 -9.43
N SER A 328 -21.12 -64.27 -9.19
CA SER A 328 -22.02 -64.40 -8.04
C SER A 328 -23.21 -63.45 -8.21
N PRO A 329 -24.42 -63.87 -7.86
CA PRO A 329 -25.60 -63.00 -8.01
C PRO A 329 -25.48 -61.67 -7.27
N THR A 330 -24.91 -61.72 -6.06
CA THR A 330 -24.75 -60.51 -5.26
C THR A 330 -23.76 -59.57 -5.94
N PHE A 331 -22.79 -60.12 -6.66
CA PHE A 331 -21.90 -59.27 -7.47
C PHE A 331 -22.68 -58.53 -8.53
N LEU A 332 -23.63 -59.21 -9.19
CA LEU A 332 -24.47 -58.54 -10.18
C LEU A 332 -25.34 -57.46 -9.53
N LEU A 333 -25.88 -57.74 -8.35
CA LEU A 333 -26.67 -56.73 -7.66
C LEU A 333 -25.84 -55.50 -7.30
N LEU A 334 -24.61 -55.72 -6.83
CA LEU A 334 -23.71 -54.61 -6.54
C LEU A 334 -23.38 -53.83 -7.80
N LYS A 335 -23.18 -54.53 -8.93
CA LYS A 335 -22.96 -53.84 -10.19
C LYS A 335 -24.16 -52.99 -10.58
N LYS A 336 -25.38 -53.48 -10.33
CA LYS A 336 -26.57 -52.67 -10.56
C LYS A 336 -26.64 -51.44 -9.69
N LEU A 337 -26.26 -51.54 -8.41
CA LEU A 337 -26.34 -50.42 -7.48
C LEU A 337 -25.13 -49.49 -7.55
N ASP A 338 -24.10 -49.83 -8.32
CA ASP A 338 -22.89 -49.03 -8.38
C ASP A 338 -23.17 -47.60 -8.85
N SER A 339 -24.03 -47.43 -9.86
CA SER A 339 -24.30 -46.09 -10.39
C SER A 339 -24.97 -45.21 -9.35
N LEU A 340 -25.95 -45.76 -8.63
CA LEU A 340 -26.60 -44.99 -7.56
C LEU A 340 -25.60 -44.65 -6.47
N CYS A 341 -24.73 -45.60 -6.11
CA CYS A 341 -23.74 -45.33 -5.07
C CYS A 341 -22.79 -44.19 -5.49
N VAL A 342 -22.30 -44.24 -6.73
CA VAL A 342 -21.35 -43.21 -7.16
C VAL A 342 -22.04 -41.85 -7.29
N SER A 343 -23.31 -41.81 -7.71
CA SER A 343 -24.02 -40.54 -7.74
C SER A 343 -24.20 -39.96 -6.34
N PHE A 344 -24.57 -40.83 -5.39
CA PHE A 344 -24.70 -40.38 -4.00
C PHE A 344 -23.37 -39.83 -3.49
N ALA A 345 -22.27 -40.48 -3.84
CA ALA A 345 -20.96 -39.96 -3.47
C ALA A 345 -20.69 -38.61 -4.12
N TYR A 346 -21.09 -38.45 -5.39
CA TYR A 346 -20.90 -37.19 -6.10
C TYR A 346 -21.66 -36.03 -5.49
N ILE A 347 -22.80 -36.29 -4.84
CA ILE A 347 -23.61 -35.21 -4.29
C ILE A 347 -22.80 -34.33 -3.32
N ASN A 348 -21.78 -34.93 -2.70
CA ASN A 348 -20.93 -34.17 -1.78
C ASN A 348 -20.20 -33.03 -2.50
N CYS A 349 -19.92 -33.18 -3.80
CA CYS A 349 -19.31 -32.10 -4.56
C CYS A 349 -20.20 -30.87 -4.61
N CYS A 350 -21.51 -31.06 -4.80
CA CYS A 350 -22.46 -29.97 -4.67
C CYS A 350 -22.53 -29.45 -3.25
N ILE A 351 -22.48 -30.35 -2.26
CA ILE A 351 -22.64 -29.94 -0.87
C ILE A 351 -21.49 -29.04 -0.42
N ASN A 352 -20.28 -29.29 -0.92
CA ASN A 352 -19.08 -28.64 -0.36
C ASN A 352 -19.10 -27.12 -0.40
N PRO A 353 -19.32 -26.44 -1.53
CA PRO A 353 -19.13 -24.98 -1.56
C PRO A 353 -20.28 -24.17 -0.98
N ILE A 354 -21.45 -24.78 -0.77
CA ILE A 354 -22.57 -24.04 -0.22
C ILE A 354 -22.28 -23.62 1.22
N ILE A 355 -21.56 -24.46 1.97
CA ILE A 355 -21.19 -24.10 3.33
C ILE A 355 -20.26 -22.90 3.34
N TYR A 356 -19.27 -22.88 2.44
CA TYR A 356 -18.37 -21.73 2.36
C TYR A 356 -19.11 -20.47 1.96
N VAL A 357 -20.04 -20.58 1.00
CA VAL A 357 -20.75 -19.38 0.53
C VAL A 357 -21.66 -18.85 1.63
N VAL A 358 -22.42 -19.73 2.27
CA VAL A 358 -23.42 -19.30 3.25
C VAL A 358 -22.74 -18.77 4.51
N ALA A 359 -21.73 -19.49 5.02
CA ALA A 359 -21.06 -19.12 6.26
C ALA A 359 -19.86 -18.22 6.03
N GLY A 360 -19.85 -17.47 4.93
CA GLY A 360 -18.78 -16.53 4.61
C GLY A 360 -19.18 -15.13 4.99
N GLN A 361 -18.22 -14.36 5.48
CA GLN A 361 -18.46 -12.99 5.92
C GLN A 361 -18.25 -12.03 4.77
N GLY A 362 -19.32 -11.34 4.37
CA GLY A 362 -19.24 -10.36 3.30
C GLY A 362 -18.90 -10.96 1.96
N PHE A 363 -19.56 -12.06 1.60
CA PHE A 363 -19.30 -12.71 0.32
C PHE A 363 -19.70 -11.81 -0.84
N GLN A 364 -20.82 -11.09 -0.70
CA GLN A 364 -21.26 -10.18 -1.75
C GLN A 364 -20.26 -9.07 -1.99
N GLY A 365 -19.70 -8.50 -0.92
CA GLY A 365 -18.69 -7.47 -1.08
C GLY A 365 -17.41 -8.00 -1.72
N ARG A 366 -17.00 -9.21 -1.33
CA ARG A 366 -15.83 -9.83 -1.93
C ARG A 366 -16.04 -10.07 -3.43
N LEU A 367 -17.25 -10.50 -3.80
CA LEU A 367 -17.58 -10.64 -5.22
C LEU A 367 -17.54 -9.30 -5.93
N ARG A 368 -18.08 -8.25 -5.28
CA ARG A 368 -18.12 -6.93 -5.90
C ARG A 368 -16.72 -6.40 -6.15
N LYS A 369 -15.81 -6.61 -5.20
CA LYS A 369 -14.44 -6.14 -5.37
C LYS A 369 -13.77 -6.80 -6.56
N SER A 370 -14.01 -8.09 -6.75
CA SER A 370 -13.43 -8.82 -7.88
C SER A 370 -14.06 -8.38 -9.19
N SER B 18 12.02 -2.81 -24.91
CA SER B 18 12.04 -1.38 -24.64
C SER B 18 13.46 -0.86 -24.50
N ALA B 19 13.58 0.38 -24.03
CA ALA B 19 14.87 1.02 -23.82
C ALA B 19 15.45 0.61 -22.47
N GLU B 20 16.42 1.38 -21.97
CA GLU B 20 17.07 1.12 -20.68
C GLU B 20 16.09 1.22 -19.50
N GLU B 21 14.81 1.43 -19.79
CA GLU B 21 13.77 1.35 -18.75
C GLU B 21 13.68 -0.02 -18.12
N ARG B 22 14.37 -1.03 -18.65
CA ARG B 22 14.44 -2.32 -18.00
C ARG B 22 15.11 -2.23 -16.63
N ALA B 23 16.15 -1.42 -16.51
CA ALA B 23 16.79 -1.21 -15.21
C ALA B 23 15.83 -0.52 -14.24
N ALA B 24 15.02 0.41 -14.74
CA ALA B 24 14.02 1.04 -13.90
C ALA B 24 12.98 0.05 -13.41
N LEU B 25 12.54 -0.85 -14.28
CA LEU B 25 11.62 -1.90 -13.86
C LEU B 25 12.25 -2.83 -12.82
N GLU B 26 13.53 -3.14 -13.00
CA GLU B 26 14.25 -3.97 -12.03
C GLU B 26 14.31 -3.27 -10.67
N ARG B 27 14.60 -1.98 -10.67
CA ARG B 27 14.63 -1.21 -9.42
C ARG B 27 13.26 -1.21 -8.75
N SER B 28 12.19 -1.04 -9.53
CA SER B 28 10.85 -1.09 -8.97
C SER B 28 10.56 -2.45 -8.34
N LYS B 29 10.97 -3.54 -9.01
CA LYS B 29 10.74 -4.87 -8.46
C LYS B 29 11.49 -5.08 -7.15
N ALA B 30 12.73 -4.59 -7.07
CA ALA B 30 13.48 -4.70 -5.82
C ALA B 30 12.81 -3.91 -4.70
N ILE B 31 12.32 -2.70 -5.02
CA ILE B 31 11.62 -1.90 -4.01
C ILE B 31 10.38 -2.64 -3.51
N GLU B 32 9.62 -3.24 -4.43
CA GLU B 32 8.42 -3.96 -4.04
C GLU B 32 8.74 -5.16 -3.16
N LYS B 33 9.81 -5.90 -3.49
CA LYS B 33 10.18 -7.05 -2.67
C LYS B 33 10.56 -6.60 -1.26
N ASN B 34 11.33 -5.52 -1.15
CA ASN B 34 11.70 -5.01 0.18
C ASN B 34 10.47 -4.59 0.97
N LEU B 35 9.52 -3.91 0.31
CA LEU B 35 8.30 -3.50 0.98
C LEU B 35 7.51 -4.70 1.49
N LYS B 36 7.39 -5.75 0.67
CA LYS B 36 6.65 -6.93 1.09
C LYS B 36 7.33 -7.61 2.29
N GLU B 37 8.67 -7.71 2.25
CA GLU B 37 9.38 -8.32 3.38
C GLU B 37 9.18 -7.53 4.66
N ASP B 38 9.27 -6.20 4.59
CA ASP B 38 9.06 -5.38 5.78
C ASP B 38 7.63 -5.52 6.30
N GLY B 39 6.65 -5.52 5.41
CA GLY B 39 5.27 -5.69 5.85
C GLY B 39 5.02 -7.03 6.52
N ILE B 40 5.61 -8.10 5.97
CA ILE B 40 5.52 -9.42 6.60
C ILE B 40 6.18 -9.44 7.98
N SER B 41 7.36 -8.85 8.11
CA SER B 41 8.08 -8.89 9.38
C SER B 41 7.46 -8.00 10.45
N ALA B 42 6.70 -6.97 10.07
CA ALA B 42 6.20 -6.00 11.03
C ALA B 42 4.86 -6.39 11.67
N ALA B 43 4.27 -7.51 11.29
CA ALA B 43 2.94 -7.87 11.77
C ALA B 43 2.96 -8.84 12.96
N LYS B 44 4.13 -9.20 13.47
CA LYS B 44 4.18 -10.15 14.58
C LYS B 44 3.96 -9.48 15.93
N ASP B 45 4.06 -8.15 15.99
CA ASP B 45 3.90 -7.42 17.23
C ASP B 45 2.43 -7.16 17.54
N VAL B 46 2.16 -6.85 18.80
CA VAL B 46 0.81 -6.53 19.28
C VAL B 46 0.85 -5.13 19.88
N LYS B 47 -0.12 -4.30 19.49
CA LYS B 47 -0.15 -2.90 19.87
C LYS B 47 -1.20 -2.66 20.95
N LEU B 48 -0.87 -1.80 21.91
CA LEU B 48 -1.75 -1.52 23.03
C LEU B 48 -1.77 -0.02 23.29
N LEU B 49 -2.95 0.52 23.61
CA LEU B 49 -3.13 1.94 23.85
C LEU B 49 -3.28 2.18 25.35
N LEU B 50 -2.47 3.09 25.88
CA LEU B 50 -2.43 3.36 27.31
C LEU B 50 -3.14 4.69 27.59
N LEU B 51 -4.41 4.59 27.97
CA LEU B 51 -5.22 5.76 28.28
C LEU B 51 -5.52 5.81 29.78
N GLY B 52 -5.82 7.01 30.25
CA GLY B 52 -6.16 7.20 31.64
C GLY B 52 -6.12 8.67 32.00
N ALA B 53 -6.51 8.94 33.25
CA ALA B 53 -6.49 10.30 33.76
C ALA B 53 -5.09 10.68 34.24
N ASP B 54 -4.92 11.95 34.56
CA ASP B 54 -3.63 12.45 35.01
C ASP B 54 -3.32 11.94 36.41
N ASN B 55 -2.04 11.66 36.66
CA ASN B 55 -1.55 11.18 37.94
C ASN B 55 -2.26 9.91 38.39
N SER B 56 -2.60 9.04 37.45
CA SER B 56 -3.30 7.80 37.76
C SER B 56 -2.35 6.63 37.92
N GLY B 57 -1.13 6.72 37.40
CA GLY B 57 -0.18 5.63 37.48
C GLY B 57 0.13 5.02 36.12
N LYS B 58 -0.03 5.81 35.06
CA LYS B 58 0.29 5.32 33.73
C LYS B 58 1.79 5.06 33.59
N SER B 59 2.62 5.88 34.21
CA SER B 59 4.06 5.68 34.14
C SER B 59 4.53 4.52 35.01
N THR B 60 3.84 4.26 36.12
CA THR B 60 4.28 3.21 37.04
C THR B 60 4.18 1.84 36.40
N ILE B 61 3.11 1.57 35.66
CA ILE B 61 2.92 0.24 35.08
C ILE B 61 3.95 -0.03 34.00
N VAL B 62 4.32 0.98 33.23
CA VAL B 62 5.34 0.78 32.20
C VAL B 62 6.74 0.78 32.79
N LYS B 63 6.94 1.45 33.93
CA LYS B 63 8.23 1.37 34.61
C LYS B 63 8.45 -0.02 35.20
N GLN B 64 7.42 -0.58 35.83
CA GLN B 64 7.52 -1.95 36.35
C GLN B 64 7.68 -2.95 35.22
N MET B 65 6.95 -2.78 34.12
CA MET B 65 7.09 -3.67 32.98
C MET B 65 8.34 -3.37 32.17
N LYS B 66 9.02 -2.25 32.45
CA LYS B 66 10.24 -1.86 31.75
C LYS B 66 10.03 -1.75 30.24
N THR B 78 8.98 13.26 24.50
CA THR B 78 8.02 13.28 25.59
C THR B 78 6.88 14.26 25.30
N THR B 79 7.18 15.28 24.48
CA THR B 79 6.17 16.27 24.14
C THR B 79 5.03 15.67 23.32
N GLY B 80 5.36 14.79 22.38
CA GLY B 80 4.34 14.18 21.54
C GLY B 80 3.88 12.83 22.06
N ILE B 81 4.26 11.77 21.36
CA ILE B 81 3.90 10.41 21.76
C ILE B 81 5.15 9.68 22.20
N VAL B 82 5.00 8.80 23.19
CA VAL B 82 6.09 7.98 23.71
C VAL B 82 5.69 6.52 23.59
N GLU B 83 6.62 5.68 23.11
CA GLU B 83 6.35 4.29 22.80
C GLU B 83 7.42 3.39 23.44
N THR B 84 7.01 2.66 24.47
CA THR B 84 7.88 1.67 25.08
C THR B 84 7.52 0.27 24.58
N HIS B 85 8.42 -0.68 24.78
CA HIS B 85 8.20 -2.05 24.33
C HIS B 85 8.91 -3.03 25.25
N PHE B 86 8.39 -4.26 25.29
CA PHE B 86 8.98 -5.35 26.05
C PHE B 86 8.45 -6.66 25.51
N THR B 87 9.18 -7.74 25.82
CA THR B 87 8.80 -9.08 25.41
C THR B 87 8.56 -9.95 26.64
N PHE B 88 7.60 -10.86 26.52
CA PHE B 88 7.22 -11.71 27.65
C PHE B 88 6.65 -13.01 27.09
N LYS B 89 7.39 -14.10 27.28
CA LYS B 89 6.99 -15.44 26.82
C LYS B 89 6.79 -15.46 25.30
N ASN B 90 7.84 -15.12 24.58
CA ASN B 90 7.89 -15.16 23.11
C ASN B 90 6.81 -14.32 22.46
N LEU B 91 6.44 -13.18 23.04
CA LEU B 91 5.45 -12.28 22.45
C LEU B 91 5.91 -10.85 22.71
N HIS B 92 5.89 -10.02 21.65
CA HIS B 92 6.44 -8.68 21.73
C HIS B 92 5.31 -7.66 21.88
N PHE B 93 5.36 -6.87 22.95
CA PHE B 93 4.35 -5.86 23.25
C PHE B 93 4.87 -4.48 22.89
N ARG B 94 3.98 -3.63 22.39
CA ARG B 94 4.30 -2.24 22.05
C ARG B 94 3.22 -1.35 22.65
N LEU B 95 3.58 -0.56 23.67
CA LEU B 95 2.64 0.26 24.42
C LEU B 95 2.80 1.72 24.01
N PHE B 96 1.68 2.37 23.70
CA PHE B 96 1.66 3.76 23.29
C PHE B 96 0.97 4.61 24.35
N ASP B 97 1.61 5.70 24.76
CA ASP B 97 1.07 6.63 25.74
C ASP B 97 0.83 7.95 25.02
N VAL B 98 -0.41 8.16 24.57
CA VAL B 98 -0.75 9.32 23.75
C VAL B 98 -1.42 10.41 24.60
N GLY B 99 -1.28 10.36 25.92
CA GLY B 99 -1.86 11.34 26.80
C GLY B 99 -0.98 12.50 27.16
N GLY B 100 0.21 12.60 26.56
CA GLY B 100 1.14 13.67 26.92
C GLY B 100 0.85 14.99 26.26
N GLN B 101 0.14 15.00 25.14
CA GLN B 101 -0.12 16.22 24.38
C GLN B 101 -1.58 16.61 24.52
N ARG B 102 -1.83 17.91 24.68
CA ARG B 102 -3.17 18.43 24.89
C ARG B 102 -3.70 19.04 23.60
N SER B 103 -4.78 18.49 23.07
CA SER B 103 -5.43 18.98 21.87
C SER B 103 -6.85 18.41 21.79
N GLU B 104 -7.49 18.55 20.64
CA GLU B 104 -8.82 17.96 20.44
C GLU B 104 -8.69 16.47 20.21
N ARG B 105 -9.18 15.67 21.17
CA ARG B 105 -9.06 14.22 21.07
C ARG B 105 -9.87 13.66 19.90
N LYS B 106 -10.83 14.41 19.38
CA LYS B 106 -11.65 13.92 18.28
C LYS B 106 -10.91 13.95 16.95
N LYS B 107 -9.73 14.56 16.89
CA LYS B 107 -9.01 14.72 15.64
C LYS B 107 -7.81 13.78 15.50
N TRP B 108 -7.39 13.11 16.57
CA TRP B 108 -6.30 12.15 16.47
C TRP B 108 -6.60 10.80 17.10
N ILE B 109 -7.80 10.56 17.62
CA ILE B 109 -8.11 9.27 18.21
C ILE B 109 -8.52 8.24 17.15
N HIS B 110 -8.83 8.68 15.93
CA HIS B 110 -9.15 7.73 14.88
C HIS B 110 -7.91 7.10 14.25
N CYS B 111 -6.72 7.58 14.61
CA CYS B 111 -5.49 6.95 14.14
C CYS B 111 -5.19 5.66 14.87
N PHE B 112 -5.72 5.48 16.08
CA PHE B 112 -5.39 4.35 16.94
C PHE B 112 -6.40 3.22 16.88
N GLU B 113 -7.34 3.27 15.94
CA GLU B 113 -8.20 2.12 15.72
C GLU B 113 -7.37 0.98 15.11
N ASP B 114 -7.94 -0.23 15.19
CA ASP B 114 -7.30 -1.50 14.85
C ASP B 114 -6.23 -1.86 15.87
N VAL B 115 -6.17 -1.18 17.02
CA VAL B 115 -5.31 -1.59 18.11
C VAL B 115 -5.95 -2.78 18.82
N THR B 116 -5.12 -3.58 19.49
CA THR B 116 -5.61 -4.83 20.05
C THR B 116 -6.50 -4.59 21.28
N ALA B 117 -6.09 -3.73 22.19
CA ALA B 117 -6.86 -3.49 23.41
C ALA B 117 -6.44 -2.17 24.05
N ILE B 118 -7.27 -1.70 24.98
CA ILE B 118 -7.01 -0.50 25.75
C ILE B 118 -6.60 -0.92 27.16
N ILE B 119 -5.79 -0.10 27.83
CA ILE B 119 -5.25 -0.45 29.14
C ILE B 119 -5.64 0.60 30.17
N PHE B 120 -6.84 1.15 30.03
CA PHE B 120 -7.36 2.18 30.94
C PHE B 120 -7.06 1.87 32.40
N CYS B 121 -6.54 2.87 33.12
CA CYS B 121 -6.15 2.71 34.51
C CYS B 121 -6.77 3.83 35.34
N VAL B 122 -7.07 3.52 36.60
CA VAL B 122 -7.77 4.43 37.50
C VAL B 122 -7.10 4.38 38.87
N ASP B 123 -6.96 5.55 39.49
CA ASP B 123 -6.39 5.66 40.83
C ASP B 123 -7.50 5.85 41.85
N LEU B 124 -7.32 5.25 43.04
CA LEU B 124 -8.30 5.32 44.11
C LEU B 124 -7.91 6.32 45.20
N SER B 125 -7.31 7.44 44.80
CA SER B 125 -6.94 8.49 45.74
C SER B 125 -7.86 9.70 45.68
N ASP B 126 -8.71 9.80 44.66
CA ASP B 126 -9.61 10.94 44.53
C ASP B 126 -10.78 10.84 45.52
N MET B 140 -12.54 13.10 40.52
CA MET B 140 -12.49 11.67 40.24
C MET B 140 -13.55 11.29 39.21
N HIS B 141 -14.64 12.07 39.18
CA HIS B 141 -15.71 11.81 38.21
C HIS B 141 -15.26 12.07 36.79
N GLU B 142 -14.19 12.82 36.59
CA GLU B 142 -13.64 12.98 35.24
C GLU B 142 -13.16 11.66 34.68
N SER B 143 -12.65 10.77 35.54
CA SER B 143 -12.27 9.43 35.08
C SER B 143 -13.48 8.65 34.61
N LEU B 144 -14.59 8.74 35.34
CA LEU B 144 -15.82 8.07 34.92
C LEU B 144 -16.32 8.64 33.59
N MET B 145 -16.24 9.97 33.43
CA MET B 145 -16.64 10.57 32.16
C MET B 145 -15.76 10.10 31.01
N LEU B 146 -14.44 10.01 31.24
CA LEU B 146 -13.54 9.54 30.20
C LEU B 146 -13.82 8.09 29.84
N PHE B 147 -14.09 7.25 30.84
CA PHE B 147 -14.42 5.85 30.57
C PHE B 147 -15.72 5.75 29.77
N ASP B 148 -16.73 6.55 30.13
CA ASP B 148 -17.98 6.54 29.38
C ASP B 148 -17.78 6.98 27.95
N SER B 149 -16.93 7.99 27.73
CA SER B 149 -16.67 8.46 26.37
C SER B 149 -15.93 7.40 25.56
N ILE B 150 -14.92 6.76 26.15
CA ILE B 150 -14.10 5.81 25.40
C ILE B 150 -14.89 4.55 25.09
N CYS B 151 -15.62 4.00 26.07
CA CYS B 151 -16.26 2.71 25.89
C CYS B 151 -17.37 2.71 24.85
N ASN B 152 -17.88 3.88 24.47
CA ASN B 152 -18.99 3.96 23.52
C ASN B 152 -18.63 4.65 22.22
N ASN B 153 -17.35 4.86 21.93
CA ASN B 153 -16.96 5.50 20.69
C ASN B 153 -17.22 4.57 19.51
N LYS B 154 -17.51 5.16 18.35
CA LYS B 154 -17.81 4.35 17.17
C LYS B 154 -16.59 3.61 16.65
N PHE B 155 -15.41 4.21 16.76
CA PHE B 155 -14.17 3.57 16.32
C PHE B 155 -13.76 2.41 17.22
N PHE B 156 -14.14 2.44 18.49
CA PHE B 156 -13.74 1.44 19.48
C PHE B 156 -14.94 0.63 19.95
N ILE B 157 -15.79 0.22 19.01
CA ILE B 157 -17.05 -0.43 19.37
C ILE B 157 -16.83 -1.90 19.75
N ASP B 158 -15.75 -2.51 19.28
CA ASP B 158 -15.48 -3.92 19.56
C ASP B 158 -14.05 -4.16 20.03
N THR B 159 -13.50 -3.25 20.84
CA THR B 159 -12.15 -3.38 21.36
C THR B 159 -12.22 -3.68 22.85
N SER B 160 -11.59 -4.78 23.27
CA SER B 160 -11.60 -5.16 24.67
C SER B 160 -10.84 -4.14 25.51
N ILE B 161 -11.24 -4.00 26.77
CA ILE B 161 -10.70 -3.01 27.68
C ILE B 161 -10.25 -3.71 28.95
N ILE B 162 -9.02 -3.43 29.39
CA ILE B 162 -8.51 -3.93 30.66
C ILE B 162 -8.47 -2.78 31.65
N LEU B 163 -9.07 -2.97 32.81
CA LEU B 163 -9.21 -1.92 33.82
C LEU B 163 -8.32 -2.25 35.02
N PHE B 164 -7.46 -1.30 35.38
CA PHE B 164 -6.60 -1.42 36.56
C PHE B 164 -7.06 -0.42 37.61
N LEU B 165 -7.24 -0.90 38.84
CA LEU B 165 -7.57 -0.04 39.97
C LEU B 165 -6.30 0.09 40.82
N ASN B 166 -5.77 1.30 40.91
CA ASN B 166 -4.44 1.52 41.44
C ASN B 166 -4.49 2.03 42.89
N LYS B 167 -3.44 1.70 43.64
CA LYS B 167 -3.18 2.25 44.97
C LYS B 167 -4.32 1.94 45.93
N LYS B 168 -4.50 0.64 46.17
CA LYS B 168 -5.58 0.19 47.06
C LYS B 168 -5.26 0.47 48.53
N ASP B 169 -3.97 0.50 48.89
CA ASP B 169 -3.59 0.67 50.29
C ASP B 169 -4.02 2.04 50.82
N LEU B 170 -3.71 3.10 50.08
CA LEU B 170 -4.15 4.42 50.50
C LEU B 170 -5.67 4.57 50.42
N PHE B 171 -6.32 3.84 49.52
CA PHE B 171 -7.78 3.82 49.52
C PHE B 171 -8.32 3.24 50.82
N GLY B 172 -7.72 2.14 51.29
CA GLY B 172 -8.13 1.59 52.57
C GLY B 172 -7.85 2.55 53.72
N GLU B 173 -6.71 3.22 53.68
CA GLU B 173 -6.40 4.20 54.72
C GLU B 173 -7.43 5.33 54.74
N LYS B 174 -7.76 5.85 53.56
CA LYS B 174 -8.76 6.92 53.48
C LYS B 174 -10.13 6.44 53.96
N ILE B 175 -10.55 5.25 53.54
CA ILE B 175 -11.84 4.73 53.98
C ILE B 175 -11.86 4.45 55.48
N LYS B 176 -10.70 4.18 56.09
CA LYS B 176 -10.64 4.09 57.54
C LYS B 176 -10.70 5.47 58.19
N LYS B 177 -10.17 6.50 57.50
CA LYS B 177 -10.18 7.86 58.03
C LYS B 177 -11.40 8.66 57.64
N SER B 178 -11.88 8.52 56.40
CA SER B 178 -13.02 9.28 55.91
C SER B 178 -14.00 8.38 55.18
N PRO B 179 -15.29 8.65 55.28
CA PRO B 179 -16.29 7.83 54.59
C PRO B 179 -16.28 8.09 53.08
N LEU B 180 -16.83 7.12 52.35
CA LEU B 180 -16.96 7.24 50.90
C LEU B 180 -18.15 8.10 50.48
N THR B 181 -19.03 8.46 51.42
CA THR B 181 -20.21 9.24 51.06
C THR B 181 -19.83 10.63 50.54
N ILE B 182 -18.65 11.13 50.89
CA ILE B 182 -18.24 12.45 50.41
C ILE B 182 -17.99 12.42 48.91
N CYS B 183 -17.63 11.25 48.36
CA CYS B 183 -17.41 11.11 46.92
C CYS B 183 -18.59 10.51 46.20
N PHE B 184 -19.28 9.54 46.81
CA PHE B 184 -20.49 8.94 46.24
C PHE B 184 -21.62 9.09 47.25
N PRO B 185 -22.40 10.17 47.15
CA PRO B 185 -23.54 10.33 48.07
C PRO B 185 -24.54 9.21 47.99
N GLU B 186 -24.70 8.60 46.81
CA GLU B 186 -25.69 7.53 46.65
C GLU B 186 -25.29 6.25 47.39
N TYR B 187 -24.02 6.11 47.76
CA TYR B 187 -23.58 4.91 48.46
C TYR B 187 -24.27 4.78 49.81
N THR B 188 -24.68 3.55 50.13
CA THR B 188 -25.39 3.28 51.38
C THR B 188 -24.79 2.15 52.21
N GLY B 189 -23.77 1.44 51.72
CA GLY B 189 -23.22 0.33 52.43
C GLY B 189 -22.24 0.75 53.51
N PRO B 190 -21.63 -0.23 54.15
CA PRO B 190 -20.64 0.05 55.19
C PRO B 190 -19.36 0.61 54.61
N ASN B 191 -18.55 1.21 55.49
CA ASN B 191 -17.30 1.86 55.10
C ASN B 191 -16.11 0.91 55.13
N THR B 192 -16.33 -0.40 54.96
CA THR B 192 -15.23 -1.34 54.91
C THR B 192 -14.70 -1.45 53.49
N TYR B 193 -13.52 -2.09 53.37
CA TYR B 193 -12.76 -2.04 52.13
C TYR B 193 -13.42 -2.83 51.01
N GLU B 194 -13.87 -4.05 51.30
CA GLU B 194 -14.29 -4.96 50.23
C GLU B 194 -15.52 -4.44 49.50
N ASP B 195 -16.57 -4.07 50.23
CA ASP B 195 -17.79 -3.59 49.58
C ASP B 195 -17.57 -2.25 48.91
N ALA B 196 -16.73 -1.39 49.48
CA ALA B 196 -16.41 -0.12 48.83
C ALA B 196 -15.73 -0.34 47.48
N ALA B 197 -14.73 -1.23 47.45
CA ALA B 197 -14.05 -1.52 46.19
C ALA B 197 -14.99 -2.15 45.19
N ALA B 198 -15.86 -3.07 45.64
CA ALA B 198 -16.83 -3.67 44.75
C ALA B 198 -17.81 -2.64 44.19
N TYR B 199 -18.24 -1.70 45.02
CA TYR B 199 -19.14 -0.65 44.56
C TYR B 199 -18.47 0.24 43.51
N ILE B 200 -17.20 0.60 43.75
CA ILE B 200 -16.50 1.40 42.75
C ILE B 200 -16.34 0.65 41.43
N GLN B 201 -15.99 -0.65 41.51
CA GLN B 201 -15.85 -1.44 40.29
C GLN B 201 -17.18 -1.55 39.55
N ALA B 202 -18.27 -1.75 40.28
CA ALA B 202 -19.59 -1.83 39.64
C ALA B 202 -19.97 -0.50 38.99
N GLN B 203 -19.67 0.61 39.67
CA GLN B 203 -19.96 1.92 39.08
C GLN B 203 -19.17 2.12 37.79
N PHE B 204 -17.90 1.73 37.77
CA PHE B 204 -17.11 1.86 36.56
C PHE B 204 -17.64 0.97 35.45
N GLU B 205 -18.03 -0.27 35.78
CA GLU B 205 -18.47 -1.20 34.76
C GLU B 205 -19.89 -0.92 34.26
N SER B 206 -20.67 -0.13 35.01
CA SER B 206 -22.04 0.16 34.60
C SER B 206 -22.14 1.03 33.36
N LYS B 207 -21.05 1.65 32.92
CA LYS B 207 -21.10 2.54 31.76
C LYS B 207 -21.05 1.79 30.43
N ASN B 208 -20.78 0.49 30.43
CA ASN B 208 -20.77 -0.26 29.19
C ASN B 208 -22.19 -0.52 28.71
N ARG B 209 -22.43 -0.26 27.43
CA ARG B 209 -23.73 -0.51 26.82
C ARG B 209 -23.71 -1.60 25.76
N SER B 210 -22.63 -1.71 24.98
CA SER B 210 -22.54 -2.75 23.96
C SER B 210 -22.14 -4.07 24.62
N PRO B 211 -22.93 -5.13 24.45
CA PRO B 211 -22.60 -6.41 25.11
C PRO B 211 -21.53 -7.22 24.39
N ASN B 212 -21.15 -6.83 23.17
CA ASN B 212 -20.15 -7.60 22.44
C ASN B 212 -18.77 -7.52 23.10
N LYS B 213 -18.41 -6.35 23.60
CA LYS B 213 -17.10 -6.16 24.21
C LYS B 213 -17.10 -6.65 25.66
N GLU B 214 -15.90 -6.89 26.18
CA GLU B 214 -15.70 -7.38 27.53
C GLU B 214 -14.71 -6.49 28.26
N ILE B 215 -14.88 -6.39 29.58
CA ILE B 215 -14.04 -5.56 30.42
C ILE B 215 -13.36 -6.47 31.44
N TYR B 216 -12.04 -6.40 31.51
CA TYR B 216 -11.26 -7.22 32.45
C TYR B 216 -10.85 -6.32 33.61
N CYS B 217 -11.45 -6.56 34.78
CA CYS B 217 -11.13 -5.78 35.96
C CYS B 217 -10.08 -6.47 36.81
N HIS B 218 -9.20 -5.67 37.41
CA HIS B 218 -8.16 -6.19 38.27
C HIS B 218 -7.59 -5.09 39.17
N MET B 219 -7.44 -5.38 40.46
CA MET B 219 -6.90 -4.43 41.43
C MET B 219 -5.47 -4.85 41.73
N THR B 220 -4.51 -4.13 41.15
CA THR B 220 -3.11 -4.54 41.26
C THR B 220 -2.54 -4.25 42.64
N CYS B 221 -2.86 -3.09 43.22
CA CYS B 221 -2.32 -2.67 44.52
C CYS B 221 -0.80 -2.74 44.55
N ALA B 222 -0.15 -2.29 43.48
CA ALA B 222 1.31 -2.27 43.37
C ALA B 222 1.90 -3.67 43.51
N THR B 223 1.27 -4.65 42.89
CA THR B 223 1.76 -6.02 42.88
C THR B 223 2.81 -6.17 41.77
N ASP B 224 3.88 -6.90 42.06
CA ASP B 224 4.96 -7.07 41.10
C ASP B 224 4.72 -8.30 40.23
N THR B 225 4.95 -8.15 38.93
CA THR B 225 4.98 -9.25 37.97
C THR B 225 3.63 -9.97 37.88
N ASN B 226 2.54 -9.30 38.23
CA ASN B 226 1.22 -9.87 38.06
C ASN B 226 0.41 -9.19 36.97
N ASN B 227 0.58 -7.87 36.81
CA ASN B 227 -0.11 -7.15 35.75
C ASN B 227 0.33 -7.63 34.37
N ALA B 228 1.61 -7.96 34.22
CA ALA B 228 2.09 -8.51 32.95
C ALA B 228 1.40 -9.84 32.65
N GLN B 229 1.24 -10.69 33.65
CA GLN B 229 0.54 -11.96 33.44
C GLN B 229 -0.92 -11.73 33.07
N VAL B 230 -1.58 -10.78 33.74
CA VAL B 230 -2.97 -10.48 33.41
C VAL B 230 -3.10 -10.01 31.97
N ILE B 231 -2.20 -9.11 31.56
CA ILE B 231 -2.21 -8.63 30.18
C ILE B 231 -1.96 -9.77 29.20
N PHE B 232 -1.07 -10.69 29.55
CA PHE B 232 -0.77 -11.81 28.66
C PHE B 232 -1.97 -12.72 28.48
N ASP B 233 -2.65 -13.07 29.57
CA ASP B 233 -3.85 -13.89 29.43
C ASP B 233 -4.95 -13.19 28.63
N ALA B 234 -5.16 -11.90 28.88
CA ALA B 234 -6.16 -11.17 28.10
C ALA B 234 -5.81 -11.17 26.62
N VAL B 235 -4.54 -10.94 26.30
CA VAL B 235 -4.10 -10.90 24.90
C VAL B 235 -4.27 -12.27 24.25
N THR B 236 -3.94 -13.34 24.98
CA THR B 236 -4.13 -14.68 24.44
C THR B 236 -5.60 -14.95 24.12
N ASP B 237 -6.50 -14.57 25.04
CA ASP B 237 -7.93 -14.78 24.78
C ASP B 237 -8.36 -13.99 23.55
N ILE B 238 -7.91 -12.73 23.45
CA ILE B 238 -8.32 -11.88 22.34
C ILE B 238 -7.83 -12.45 21.01
N ILE B 239 -6.57 -12.88 20.95
CA ILE B 239 -6.03 -13.39 19.69
C ILE B 239 -6.68 -14.72 19.32
N ILE B 240 -7.00 -15.56 20.31
CA ILE B 240 -7.72 -16.78 20.00
C ILE B 240 -9.09 -16.47 19.40
N ALA B 241 -9.80 -15.50 19.98
CA ALA B 241 -11.11 -15.13 19.45
C ALA B 241 -10.99 -14.58 18.03
N ASN B 242 -9.98 -13.76 17.79
CA ASN B 242 -9.78 -13.22 16.44
C ASN B 242 -9.46 -14.32 15.43
N ASN B 243 -8.60 -15.25 15.80
CA ASN B 243 -8.26 -16.36 14.91
C ASN B 243 -9.49 -17.20 14.61
N LEU B 244 -10.30 -17.49 15.63
CA LEU B 244 -11.52 -18.26 15.42
C LEU B 244 -12.52 -17.52 14.54
N ARG B 245 -12.67 -16.21 14.71
CA ARG B 245 -13.60 -15.44 13.88
C ARG B 245 -13.13 -15.36 12.43
N GLY B 246 -11.81 -15.29 12.22
CA GLY B 246 -11.29 -15.12 10.86
C GLY B 246 -11.50 -16.32 9.96
N CYS B 247 -11.67 -17.51 10.53
CA CYS B 247 -11.82 -18.72 9.74
C CYS B 247 -13.24 -18.96 9.24
N GLY B 248 -14.22 -18.24 9.78
CA GLY B 248 -15.61 -18.45 9.42
C GLY B 248 -16.42 -19.27 10.40
N LEU B 249 -15.80 -19.73 11.50
CA LEU B 249 -16.56 -20.45 12.51
C LEU B 249 -17.36 -19.51 13.40
N TYR B 250 -17.16 -18.20 13.24
CA TYR B 250 -18.01 -17.21 13.89
C TYR B 250 -19.11 -16.73 12.94
N GLU C 13 -13.02 49.15 32.24
CA GLU C 13 -13.88 48.02 32.60
C GLU C 13 -14.17 47.14 31.39
N LEU C 14 -14.59 45.90 31.65
CA LEU C 14 -14.88 44.98 30.56
C LEU C 14 -16.14 45.38 29.79
N ASP C 15 -17.08 46.04 30.46
CA ASP C 15 -18.35 46.38 29.81
C ASP C 15 -18.14 47.37 28.66
N GLN C 16 -17.30 48.38 28.85
CA GLN C 16 -17.05 49.36 27.80
C GLN C 16 -16.40 48.71 26.58
N LEU C 17 -15.40 47.85 26.81
CA LEU C 17 -14.74 47.16 25.70
C LEU C 17 -15.69 46.20 25.00
N ARG C 18 -16.54 45.50 25.75
CA ARG C 18 -17.52 44.61 25.12
C ARG C 18 -18.50 45.41 24.27
N GLN C 19 -18.96 46.56 24.77
CA GLN C 19 -19.86 47.40 23.98
C GLN C 19 -19.19 47.92 22.72
N GLU C 20 -17.92 48.32 22.83
CA GLU C 20 -17.19 48.78 21.66
C GLU C 20 -17.03 47.67 20.63
N ALA C 21 -16.71 46.45 21.08
CA ALA C 21 -16.58 45.33 20.17
C ALA C 21 -17.91 45.02 19.49
N GLU C 22 -19.01 45.07 20.25
CA GLU C 22 -20.33 44.83 19.67
C GLU C 22 -20.67 45.90 18.64
N GLN C 23 -20.35 47.16 18.93
CA GLN C 23 -20.59 48.23 17.97
C GLN C 23 -19.79 48.02 16.69
N LEU C 24 -18.51 47.64 16.82
CA LEU C 24 -17.69 47.39 15.65
C LEU C 24 -18.23 46.22 14.82
N LYS C 25 -18.65 45.14 15.50
CA LYS C 25 -19.21 44.00 14.78
C LYS C 25 -20.50 44.40 14.05
N ASN C 26 -21.36 45.18 14.71
CA ASN C 26 -22.58 45.63 14.06
C ASN C 26 -22.27 46.51 12.85
N GLN C 27 -21.28 47.39 12.97
CA GLN C 27 -20.91 48.26 11.86
C GLN C 27 -20.40 47.44 10.67
N ILE C 28 -19.51 46.47 10.92
CA ILE C 28 -18.99 45.69 9.80
C ILE C 28 -20.07 44.82 9.19
N ARG C 29 -20.98 44.28 10.00
CA ARG C 29 -22.08 43.49 9.45
C ARG C 29 -23.00 44.36 8.59
N ASP C 30 -23.28 45.58 9.04
CA ASP C 30 -24.12 46.49 8.26
C ASP C 30 -23.44 46.85 6.94
N ALA C 31 -22.14 47.13 6.97
CA ALA C 31 -21.42 47.44 5.74
C ALA C 31 -21.43 46.25 4.78
N ARG C 32 -21.21 45.05 5.30
CA ARG C 32 -21.21 43.85 4.47
C ARG C 32 -22.59 43.62 3.85
N LYS C 33 -23.65 43.83 4.62
CA LYS C 33 -25.00 43.67 4.09
C LYS C 33 -25.31 44.74 3.04
N ALA C 34 -24.76 45.94 3.23
CA ALA C 34 -24.97 47.00 2.24
C ALA C 34 -24.23 46.71 0.94
N CYS C 35 -23.07 46.05 1.02
CA CYS C 35 -22.28 45.79 -0.17
C CYS C 35 -22.93 44.77 -1.10
N ALA C 36 -23.98 44.06 -0.65
CA ALA C 36 -24.61 43.02 -1.46
C ALA C 36 -25.84 43.59 -2.16
N ASP C 37 -25.69 43.80 -3.47
CA ASP C 37 -26.80 44.32 -4.27
C ASP C 37 -27.62 43.19 -4.91
N ALA C 38 -26.94 42.14 -5.37
CA ALA C 38 -27.62 41.02 -6.02
C ALA C 38 -26.91 39.74 -5.62
N THR C 39 -27.24 38.64 -6.31
CA THR C 39 -26.64 37.34 -6.06
C THR C 39 -26.20 36.75 -7.39
N LEU C 40 -25.17 35.91 -7.33
CA LEU C 40 -24.62 35.32 -8.55
C LEU C 40 -25.58 34.32 -9.16
N SER C 41 -26.51 33.76 -8.36
CA SER C 41 -27.42 32.75 -8.87
C SER C 41 -28.34 33.31 -9.96
N GLN C 42 -28.74 34.57 -9.82
CA GLN C 42 -29.61 35.21 -10.80
C GLN C 42 -28.84 35.88 -11.93
N ILE C 43 -27.53 35.79 -11.94
CA ILE C 43 -26.70 36.26 -13.04
C ILE C 43 -26.26 35.12 -13.95
N THR C 44 -26.14 33.92 -13.40
CA THR C 44 -25.65 32.76 -14.12
C THR C 44 -26.73 32.02 -14.90
N ASN C 45 -27.96 32.52 -14.92
CA ASN C 45 -29.05 31.83 -15.62
C ASN C 45 -28.89 31.88 -17.14
N ASN C 46 -27.98 32.68 -17.67
CA ASN C 46 -27.86 32.88 -19.11
C ASN C 46 -26.83 31.96 -19.76
N ILE C 47 -26.15 31.10 -18.99
CA ILE C 47 -25.13 30.21 -19.54
C ILE C 47 -25.61 28.77 -19.43
N ASP C 48 -25.24 27.97 -20.42
CA ASP C 48 -25.66 26.57 -20.50
C ASP C 48 -24.89 25.70 -19.52
N PRO C 49 -25.44 24.56 -19.13
CA PRO C 49 -24.74 23.64 -18.23
C PRO C 49 -23.62 22.90 -18.94
N VAL C 50 -22.84 22.16 -18.15
CA VAL C 50 -21.70 21.43 -18.69
C VAL C 50 -22.04 20.00 -19.11
N GLY C 51 -23.25 19.55 -18.85
CA GLY C 51 -23.63 18.20 -19.21
C GLY C 51 -23.14 17.17 -18.22
N ARG C 52 -23.30 15.91 -18.60
CA ARG C 52 -22.91 14.79 -17.77
C ARG C 52 -21.44 14.43 -18.01
N ILE C 53 -20.72 14.20 -16.92
CA ILE C 53 -19.30 13.89 -16.96
C ILE C 53 -19.07 12.51 -16.35
N GLN C 54 -18.35 11.65 -17.08
CA GLN C 54 -18.06 10.29 -16.64
C GLN C 54 -16.58 9.99 -16.87
N MET C 55 -15.81 9.97 -15.79
CA MET C 55 -14.39 9.64 -15.87
C MET C 55 -14.18 8.17 -15.53
N ARG C 56 -13.10 7.61 -16.06
CA ARG C 56 -12.75 6.21 -15.85
C ARG C 56 -11.32 6.10 -15.33
N THR C 57 -11.10 5.14 -14.45
CA THR C 57 -9.80 4.95 -13.79
C THR C 57 -8.82 4.36 -14.80
N ARG C 58 -7.78 5.11 -15.12
CA ARG C 58 -6.76 4.65 -16.07
C ARG C 58 -5.57 3.98 -15.39
N ARG C 59 -5.35 4.22 -14.10
CA ARG C 59 -4.22 3.62 -13.40
C ARG C 59 -4.68 3.21 -12.01
N THR C 60 -3.87 2.37 -11.37
CA THR C 60 -4.12 1.96 -9.98
C THR C 60 -2.78 1.70 -9.33
N LEU C 61 -2.46 2.47 -8.29
CA LEU C 61 -1.16 2.40 -7.62
C LEU C 61 -1.34 1.63 -6.32
N ARG C 62 -0.86 0.38 -6.31
CA ARG C 62 -1.02 -0.50 -5.17
C ARG C 62 0.35 -0.89 -4.63
N GLY C 63 0.90 -0.06 -3.76
CA GLY C 63 2.13 -0.39 -3.06
C GLY C 63 2.01 -0.30 -1.56
N HIS C 64 1.10 0.55 -1.09
CA HIS C 64 0.93 0.78 0.34
C HIS C 64 0.13 -0.38 0.95
N LEU C 65 0.07 -0.40 2.28
CA LEU C 65 -0.73 -1.41 2.96
C LEU C 65 -1.48 -0.88 4.17
N ALA C 66 -1.48 0.43 4.42
CA ALA C 66 -2.23 0.94 5.57
C ALA C 66 -2.60 2.42 5.45
N LYS C 67 -3.85 2.70 5.06
CA LYS C 67 -4.47 4.00 5.28
C LYS C 67 -3.66 5.19 4.78
N ILE C 68 -3.53 5.36 3.47
CA ILE C 68 -2.87 6.55 2.92
C ILE C 68 -3.55 7.79 3.47
N TYR C 69 -2.76 8.77 3.90
CA TYR C 69 -3.25 9.97 4.56
C TYR C 69 -3.07 11.23 3.71
N ALA C 70 -1.94 11.37 3.02
CA ALA C 70 -1.66 12.57 2.24
C ALA C 70 -1.02 12.20 0.91
N MET C 71 -1.08 13.15 -0.03
CA MET C 71 -0.41 13.03 -1.32
C MET C 71 -0.18 14.42 -1.88
N HIS C 72 0.69 14.50 -2.89
CA HIS C 72 1.01 15.78 -3.53
C HIS C 72 1.59 15.53 -4.90
N TRP C 73 1.15 16.30 -5.89
CA TRP C 73 1.68 16.20 -7.24
C TRP C 73 3.00 16.95 -7.36
N GLY C 74 3.76 16.62 -8.41
CA GLY C 74 4.94 17.36 -8.77
C GLY C 74 4.63 18.50 -9.73
N THR C 75 5.62 19.36 -9.93
CA THR C 75 5.45 20.48 -10.84
C THR C 75 5.35 20.01 -12.29
N ASP C 76 6.08 18.96 -12.67
CA ASP C 76 6.01 18.41 -14.02
C ASP C 76 4.75 17.58 -14.25
N SER C 77 3.93 17.38 -13.22
CA SER C 77 2.70 16.59 -13.29
C SER C 77 2.96 15.18 -13.83
N ARG C 78 4.02 14.53 -13.34
CA ARG C 78 4.26 13.13 -13.65
C ARG C 78 4.60 12.34 -12.39
N LEU C 79 5.24 12.99 -11.42
CA LEU C 79 5.66 12.33 -10.20
C LEU C 79 4.70 12.64 -9.06
N LEU C 80 4.63 11.72 -8.10
CA LEU C 80 3.76 11.81 -6.94
C LEU C 80 4.56 11.62 -5.67
N VAL C 81 3.85 11.70 -4.55
CA VAL C 81 4.39 11.34 -3.24
C VAL C 81 3.20 10.93 -2.37
N SER C 82 3.42 9.99 -1.46
CA SER C 82 2.35 9.48 -0.61
C SER C 82 2.90 9.05 0.74
N ALA C 83 2.09 9.21 1.78
CA ALA C 83 2.43 8.78 3.14
C ALA C 83 1.34 7.88 3.67
N SER C 84 1.73 6.90 4.50
CA SER C 84 0.81 5.96 5.08
C SER C 84 1.22 5.67 6.51
N GLN C 85 0.34 4.99 7.24
CA GLN C 85 0.64 4.58 8.61
C GLN C 85 1.67 3.46 8.66
N ASP C 86 2.01 2.87 7.52
CA ASP C 86 3.05 1.84 7.48
C ASP C 86 4.42 2.40 7.83
N GLY C 87 4.58 3.72 7.81
CA GLY C 87 5.85 4.34 8.08
C GLY C 87 6.73 4.57 6.87
N LYS C 88 6.15 4.51 5.66
CA LYS C 88 6.91 4.68 4.42
C LYS C 88 6.42 5.90 3.67
N LEU C 89 7.37 6.66 3.14
CA LEU C 89 7.11 7.81 2.27
C LEU C 89 7.67 7.43 0.90
N ILE C 90 6.77 7.20 -0.06
CA ILE C 90 7.13 6.64 -1.35
C ILE C 90 6.70 7.59 -2.46
N ILE C 91 7.59 7.83 -3.42
CA ILE C 91 7.30 8.69 -4.56
C ILE C 91 7.15 7.80 -5.79
N TRP C 92 6.15 8.09 -6.60
CA TRP C 92 5.70 7.22 -7.68
C TRP C 92 6.08 7.78 -9.04
N ASP C 93 5.82 6.99 -10.08
CA ASP C 93 5.91 7.42 -11.46
C ASP C 93 4.56 7.12 -12.10
N SER C 94 3.80 8.16 -12.44
CA SER C 94 2.41 8.00 -12.80
C SER C 94 2.23 7.30 -14.14
N TYR C 95 3.12 7.57 -15.10
CA TYR C 95 2.92 7.09 -16.46
C TYR C 95 3.13 5.58 -16.56
N THR C 96 4.12 5.04 -15.83
CA THR C 96 4.49 3.64 -15.94
C THR C 96 4.32 2.85 -14.66
N THR C 97 3.77 3.47 -13.61
CA THR C 97 3.43 2.80 -12.35
C THR C 97 4.70 2.42 -11.58
N ASN C 98 5.87 2.73 -12.15
CA ASN C 98 7.13 2.37 -11.52
C ASN C 98 7.32 3.12 -10.20
N LYS C 99 8.12 2.51 -9.33
CA LYS C 99 8.51 3.12 -8.06
C LYS C 99 9.95 3.59 -8.18
N VAL C 100 10.20 4.86 -7.82
CA VAL C 100 11.53 5.42 -7.99
C VAL C 100 12.23 5.71 -6.66
N HIS C 101 11.48 5.87 -5.57
CA HIS C 101 12.08 6.04 -4.24
C HIS C 101 11.16 5.43 -3.20
N ALA C 102 11.74 5.15 -2.03
CA ALA C 102 10.97 4.67 -0.87
C ALA C 102 11.75 5.07 0.37
N ILE C 103 11.27 6.09 1.08
CA ILE C 103 11.98 6.67 2.22
C ILE C 103 11.37 6.09 3.49
N PRO C 104 12.18 5.56 4.40
CA PRO C 104 11.65 5.05 5.68
C PRO C 104 11.61 6.15 6.73
N LEU C 105 10.43 6.39 7.30
CA LEU C 105 10.24 7.45 8.27
C LEU C 105 10.59 6.99 9.68
N ARG C 106 10.91 7.95 10.54
CA ARG C 106 11.25 7.65 11.93
C ARG C 106 10.01 7.28 12.74
N SER C 107 8.90 7.98 12.54
CA SER C 107 7.66 7.71 13.24
C SER C 107 6.54 7.45 12.22
N SER C 108 5.64 6.55 12.56
CA SER C 108 4.58 6.13 11.66
C SER C 108 3.30 6.94 11.81
N TRP C 109 3.29 7.97 12.66
CA TRP C 109 2.11 8.79 12.87
C TRP C 109 2.20 10.08 12.06
N VAL C 110 2.08 9.95 10.74
CA VAL C 110 2.26 11.06 9.81
C VAL C 110 0.93 11.46 9.20
N MET C 111 0.78 12.75 8.90
CA MET C 111 -0.46 13.28 8.37
C MET C 111 -0.29 14.26 7.22
N THR C 112 0.94 14.61 6.83
CA THR C 112 1.17 15.65 5.84
C THR C 112 2.26 15.24 4.86
N CYS C 113 2.20 15.83 3.66
CA CYS C 113 3.23 15.68 2.64
C CYS C 113 3.35 16.98 1.87
N ALA C 114 4.52 17.18 1.25
CA ALA C 114 4.74 18.38 0.43
C ALA C 114 5.88 18.09 -0.54
N TYR C 115 5.72 18.53 -1.78
CA TYR C 115 6.74 18.40 -2.81
C TYR C 115 7.26 19.78 -3.16
N ALA C 116 8.58 19.94 -3.17
CA ALA C 116 9.17 21.24 -3.47
C ALA C 116 8.89 21.62 -4.91
N PRO C 117 8.63 22.91 -5.18
CA PRO C 117 8.40 23.34 -6.57
C PRO C 117 9.59 23.10 -7.48
N SER C 118 10.82 23.15 -6.95
CA SER C 118 12.01 22.86 -7.74
C SER C 118 12.26 21.36 -7.87
N GLY C 119 11.60 20.53 -7.08
CA GLY C 119 11.75 19.10 -7.15
C GLY C 119 12.94 18.53 -6.40
N ASN C 120 13.59 19.30 -5.54
CA ASN C 120 14.79 18.83 -4.88
C ASN C 120 14.51 18.28 -3.48
N TYR C 121 13.40 18.66 -2.85
CA TYR C 121 13.14 18.33 -1.46
C TYR C 121 11.73 17.78 -1.29
N VAL C 122 11.51 17.13 -0.14
CA VAL C 122 10.21 16.61 0.27
C VAL C 122 10.08 16.81 1.78
N ALA C 123 8.89 17.20 2.23
CA ALA C 123 8.63 17.45 3.64
C ALA C 123 7.58 16.49 4.17
N CYS C 124 7.56 16.32 5.49
CA CYS C 124 6.61 15.42 6.15
C CYS C 124 6.46 15.83 7.60
N GLY C 125 5.37 15.37 8.22
CA GLY C 125 5.12 15.68 9.63
C GLY C 125 3.90 14.95 10.12
N GLY C 126 3.65 15.08 11.43
CA GLY C 126 2.52 14.41 12.04
C GLY C 126 2.36 14.63 13.54
N LEU C 127 2.10 13.54 14.28
CA LEU C 127 1.85 13.63 15.72
C LEU C 127 3.12 13.86 16.54
N ASP C 128 4.30 13.84 15.93
CA ASP C 128 5.53 14.01 16.68
C ASP C 128 5.95 15.47 16.83
N ASN C 129 5.15 16.41 16.33
CA ASN C 129 5.35 17.84 16.48
C ASN C 129 6.57 18.36 15.71
N ILE C 130 7.09 17.59 14.78
CA ILE C 130 8.31 17.93 14.05
C ILE C 130 8.07 17.82 12.56
N CYS C 131 8.64 18.74 11.78
CA CYS C 131 8.58 18.71 10.32
C CYS C 131 9.96 18.31 9.81
N SER C 132 10.01 17.20 9.09
CA SER C 132 11.28 16.69 8.58
C SER C 132 11.42 17.00 7.09
N ILE C 133 12.62 17.41 6.69
CA ILE C 133 12.92 17.79 5.32
C ILE C 133 13.99 16.85 4.78
N TYR C 134 13.73 16.28 3.60
CA TYR C 134 14.58 15.25 3.00
C TYR C 134 15.22 15.77 1.72
N ASN C 135 16.43 15.32 1.45
CA ASN C 135 17.19 15.71 0.27
C ASN C 135 17.19 14.58 -0.74
N LEU C 136 16.73 14.86 -1.95
CA LEU C 136 16.62 13.85 -3.00
C LEU C 136 17.79 13.84 -3.98
N LYS C 137 18.71 14.81 -3.87
CA LYS C 137 19.78 14.94 -4.86
C LYS C 137 21.16 14.83 -4.22
N THR C 138 21.35 13.82 -3.39
CA THR C 138 22.64 13.59 -2.75
C THR C 138 23.61 12.93 -3.71
N ARG C 139 24.91 13.16 -3.47
CA ARG C 139 25.95 12.53 -4.28
C ARG C 139 26.16 11.07 -3.89
N GLU C 140 25.93 10.73 -2.62
CA GLU C 140 26.13 9.36 -2.17
C GLU C 140 25.13 8.40 -2.79
N GLY C 141 24.02 8.89 -3.30
CA GLY C 141 23.03 8.06 -3.96
C GLY C 141 21.85 7.64 -3.13
N ASN C 142 21.69 8.18 -1.93
CA ASN C 142 20.58 7.83 -1.05
C ASN C 142 19.96 9.10 -0.48
N VAL C 143 18.68 9.02 -0.14
CA VAL C 143 17.96 10.14 0.46
C VAL C 143 18.30 10.22 1.94
N ARG C 144 18.56 11.43 2.42
CA ARG C 144 18.96 11.65 3.80
C ARG C 144 18.17 12.82 4.39
N VAL C 145 18.04 12.82 5.72
CA VAL C 145 17.34 13.89 6.40
C VAL C 145 18.23 15.14 6.41
N SER C 146 17.65 16.28 6.04
CA SER C 146 18.38 17.53 5.97
C SER C 146 18.21 18.37 7.23
N ARG C 147 16.97 18.56 7.68
CA ARG C 147 16.70 19.32 8.90
C ARG C 147 15.50 18.73 9.62
N GLU C 148 15.39 19.06 10.91
CA GLU C 148 14.26 18.66 11.76
C GLU C 148 13.77 19.94 12.44
N LEU C 149 12.66 20.47 11.94
CA LEU C 149 12.14 21.77 12.38
C LEU C 149 11.26 21.57 13.61
N ALA C 150 11.75 22.02 14.76
CA ALA C 150 11.05 21.87 16.03
C ALA C 150 10.67 23.23 16.60
N GLY C 151 9.67 23.22 17.47
CA GLY C 151 9.19 24.43 18.10
C GLY C 151 7.69 24.47 18.31
N HIS C 152 6.93 23.74 17.50
CA HIS C 152 5.49 23.67 17.68
C HIS C 152 5.14 22.79 18.88
N THR C 153 3.96 23.03 19.45
CA THR C 153 3.49 22.29 20.60
C THR C 153 2.48 21.20 20.23
N GLY C 154 1.49 21.55 19.41
CA GLY C 154 0.51 20.58 18.94
C GLY C 154 0.98 19.87 17.69
N TYR C 155 0.18 18.88 17.27
CA TYR C 155 0.51 18.09 16.10
C TYR C 155 0.43 18.94 14.84
N LEU C 156 1.16 18.51 13.81
CA LEU C 156 1.18 19.20 12.52
C LEU C 156 -0.01 18.76 11.68
N SER C 157 -0.66 19.73 11.04
CA SER C 157 -1.82 19.46 10.21
C SER C 157 -1.60 19.71 8.73
N CYS C 158 -0.68 20.62 8.37
CA CYS C 158 -0.42 20.92 6.98
C CYS C 158 0.93 21.62 6.86
N CYS C 159 1.51 21.60 5.66
CA CYS C 159 2.76 22.28 5.36
C CYS C 159 2.84 22.57 3.87
N ARG C 160 3.47 23.68 3.50
CA ARG C 160 3.61 24.07 2.11
C ARG C 160 4.94 24.78 1.87
N PHE C 161 5.57 24.51 0.74
CA PHE C 161 6.82 25.15 0.34
C PHE C 161 6.53 26.49 -0.34
N LEU C 162 7.29 27.51 0.04
CA LEU C 162 7.32 28.76 -0.74
C LEU C 162 8.44 28.74 -1.76
N ASP C 163 9.65 28.39 -1.34
CA ASP C 163 10.75 28.11 -2.24
C ASP C 163 11.63 27.05 -1.56
N ASP C 164 12.85 26.88 -2.06
CA ASP C 164 13.74 25.87 -1.51
C ASP C 164 14.34 26.25 -0.17
N ASN C 165 13.96 27.41 0.40
CA ASN C 165 14.57 27.89 1.63
C ASN C 165 13.59 28.26 2.73
N GLN C 166 12.32 28.47 2.43
CA GLN C 166 11.34 28.83 3.45
C GLN C 166 10.06 28.02 3.30
N ILE C 167 9.46 27.67 4.44
CA ILE C 167 8.29 26.81 4.51
C ILE C 167 7.32 27.38 5.53
N VAL C 168 6.03 27.08 5.36
CA VAL C 168 4.98 27.51 6.27
C VAL C 168 4.26 26.29 6.80
N THR C 169 3.94 26.31 8.10
CA THR C 169 3.38 25.16 8.80
C THR C 169 2.18 25.57 9.62
N SER C 170 1.19 24.68 9.70
CA SER C 170 -0.01 24.86 10.53
C SER C 170 -0.07 23.74 11.55
N SER C 171 -0.31 24.09 12.81
CA SER C 171 -0.29 23.12 13.90
C SER C 171 -1.61 23.14 14.65
N GLY C 172 -1.73 22.22 15.59
CA GLY C 172 -2.92 22.07 16.41
C GLY C 172 -2.93 22.87 17.69
N ASP C 173 -2.05 23.86 17.84
CA ASP C 173 -2.05 24.75 18.98
C ASP C 173 -2.50 26.17 18.62
N THR C 174 -3.30 26.32 17.57
CA THR C 174 -3.90 27.58 17.14
C THR C 174 -2.89 28.59 16.62
N THR C 175 -1.73 28.14 16.13
CA THR C 175 -0.74 29.04 15.58
C THR C 175 -0.19 28.51 14.27
N CYS C 176 0.29 29.42 13.43
CA CYS C 176 1.01 29.11 12.21
C CYS C 176 2.37 29.80 12.27
N ALA C 177 3.33 29.28 11.50
CA ALA C 177 4.69 29.79 11.58
C ALA C 177 5.32 29.84 10.19
N LEU C 178 6.32 30.70 10.06
CA LEU C 178 7.15 30.79 8.86
C LEU C 178 8.59 30.49 9.26
N TRP C 179 9.16 29.45 8.66
CA TRP C 179 10.46 28.94 9.06
C TRP C 179 11.55 29.37 8.08
N ASP C 180 12.79 29.24 8.52
CA ASP C 180 13.98 29.46 7.69
C ASP C 180 14.78 28.16 7.71
N ILE C 181 14.72 27.40 6.62
CA ILE C 181 15.38 26.10 6.57
C ILE C 181 16.90 26.25 6.66
N GLU C 182 17.44 27.39 6.24
CA GLU C 182 18.88 27.60 6.32
C GLU C 182 19.40 27.59 7.75
N THR C 183 18.58 28.03 8.71
CA THR C 183 19.00 28.09 10.11
C THR C 183 18.06 27.40 11.09
N GLY C 184 16.86 27.01 10.66
CA GLY C 184 15.97 26.26 11.53
C GLY C 184 15.25 27.08 12.58
N GLN C 185 15.08 28.38 12.36
CA GLN C 185 14.41 29.25 13.32
C GLN C 185 13.14 29.83 12.71
N GLN C 186 12.15 30.06 13.57
CA GLN C 186 10.86 30.58 13.12
C GLN C 186 10.95 32.07 12.89
N THR C 187 10.82 32.49 11.63
CA THR C 187 10.91 33.92 11.30
C THR C 187 9.70 34.68 11.81
N THR C 188 8.50 34.18 11.55
CA THR C 188 7.27 34.87 11.91
C THR C 188 6.25 33.84 12.40
N THR C 189 5.49 34.20 13.42
CA THR C 189 4.41 33.37 13.93
C THR C 189 3.09 34.11 13.83
N PHE C 190 2.05 33.39 13.39
CA PHE C 190 0.73 33.96 13.17
C PHE C 190 -0.22 33.45 14.24
N THR C 191 -0.77 34.37 15.05
CA THR C 191 -1.72 34.02 16.09
C THR C 191 -3.01 34.79 15.87
N GLY C 192 -4.09 34.27 16.45
CA GLY C 192 -5.38 34.91 16.34
C GLY C 192 -6.55 33.93 16.26
N HIS C 193 -6.25 32.65 16.10
CA HIS C 193 -7.28 31.61 16.05
C HIS C 193 -7.62 31.16 17.47
N THR C 194 -8.79 30.54 17.60
CA THR C 194 -9.26 30.05 18.89
C THR C 194 -9.14 28.54 19.04
N GLY C 195 -9.50 27.77 18.01
CA GLY C 195 -9.43 26.33 18.08
C GLY C 195 -8.08 25.81 17.66
N ASP C 196 -8.05 24.95 16.64
CA ASP C 196 -6.80 24.46 16.07
C ASP C 196 -6.90 24.41 14.56
N VAL C 197 -5.85 24.86 13.89
CA VAL C 197 -5.88 25.03 12.44
C VAL C 197 -5.80 23.66 11.77
N MET C 198 -6.62 23.47 10.75
CA MET C 198 -6.77 22.17 10.08
C MET C 198 -6.21 22.15 8.67
N SER C 199 -6.31 23.23 7.91
CA SER C 199 -5.90 23.25 6.51
C SER C 199 -5.16 24.54 6.19
N LEU C 200 -4.56 24.58 5.00
CA LEU C 200 -3.71 25.69 4.58
C LEU C 200 -3.61 25.70 3.06
N SER C 201 -3.61 26.89 2.48
CA SER C 201 -3.51 27.05 1.03
C SER C 201 -2.76 28.33 0.69
N LEU C 202 -1.92 28.27 -0.34
CA LEU C 202 -1.08 29.38 -0.74
C LEU C 202 -1.61 30.02 -2.02
N ALA C 203 -1.48 31.35 -2.10
CA ALA C 203 -1.92 32.07 -3.28
C ALA C 203 -0.97 31.80 -4.45
N PRO C 204 -1.47 31.93 -5.69
CA PRO C 204 -0.58 31.74 -6.85
C PRO C 204 0.60 32.70 -6.88
N ASP C 205 0.43 33.93 -6.38
CA ASP C 205 1.52 34.89 -6.33
C ASP C 205 2.43 34.71 -5.12
N THR C 206 2.09 33.78 -4.22
CA THR C 206 2.88 33.48 -3.03
C THR C 206 3.07 34.71 -2.14
N ARG C 207 2.07 35.57 -2.05
CA ARG C 207 2.12 36.75 -1.19
C ARG C 207 1.15 36.69 -0.01
N LEU C 208 0.12 35.85 -0.09
CA LEU C 208 -0.87 35.72 0.97
C LEU C 208 -1.34 34.28 1.04
N PHE C 209 -1.93 33.90 2.17
CA PHE C 209 -2.48 32.57 2.36
C PHE C 209 -3.63 32.61 3.34
N VAL C 210 -4.46 31.57 3.32
CA VAL C 210 -5.62 31.45 4.20
C VAL C 210 -5.55 30.14 4.95
N SER C 211 -6.27 30.07 6.06
CA SER C 211 -6.30 28.87 6.89
C SER C 211 -7.67 28.72 7.52
N GLY C 212 -8.08 27.47 7.74
CA GLY C 212 -9.35 27.19 8.39
C GLY C 212 -9.18 26.40 9.66
N ALA C 213 -9.89 26.77 10.72
CA ALA C 213 -9.75 26.14 12.02
C ALA C 213 -11.06 25.47 12.43
N CYS C 214 -11.06 24.90 13.63
CA CYS C 214 -12.19 24.16 14.14
C CYS C 214 -13.23 25.05 14.81
N ASP C 215 -13.01 26.36 14.88
CA ASP C 215 -14.02 27.29 15.35
C ASP C 215 -14.86 27.89 14.23
N ALA C 216 -14.87 27.24 13.06
CA ALA C 216 -15.71 27.63 11.93
C ALA C 216 -15.41 29.04 11.44
N SER C 217 -14.13 29.38 11.28
CA SER C 217 -13.73 30.68 10.75
C SER C 217 -12.44 30.50 9.94
N ALA C 218 -12.40 31.15 8.78
CA ALA C 218 -11.21 31.19 7.94
C ALA C 218 -10.80 32.64 7.72
N LYS C 219 -9.50 32.90 7.76
CA LYS C 219 -9.00 34.26 7.74
C LYS C 219 -7.79 34.38 6.83
N LEU C 220 -7.56 35.58 6.33
CA LEU C 220 -6.51 35.86 5.35
C LEU C 220 -5.30 36.46 6.05
N TRP C 221 -4.12 35.92 5.75
CA TRP C 221 -2.88 36.29 6.39
C TRP C 221 -1.86 36.72 5.35
N ASP C 222 -1.08 37.75 5.67
CA ASP C 222 0.01 38.20 4.81
C ASP C 222 1.32 37.61 5.31
N VAL C 223 2.16 37.13 4.39
CA VAL C 223 3.38 36.45 4.79
C VAL C 223 4.50 37.41 5.19
N ARG C 224 4.49 38.64 4.68
CA ARG C 224 5.54 39.59 5.04
C ARG C 224 5.33 40.17 6.43
N GLU C 225 4.13 40.71 6.68
CA GLU C 225 3.75 41.22 7.99
C GLU C 225 2.71 40.29 8.59
N GLY C 226 2.89 39.93 9.86
CA GLY C 226 2.06 38.91 10.48
C GLY C 226 0.68 39.39 10.89
N MET C 227 0.11 40.32 10.14
CA MET C 227 -1.20 40.85 10.46
C MET C 227 -2.29 40.06 9.73
N CYS C 228 -3.48 40.04 10.34
CA CYS C 228 -4.65 39.38 9.75
C CYS C 228 -5.55 40.44 9.14
N ARG C 229 -5.87 40.29 7.85
CA ARG C 229 -6.58 41.35 7.14
C ARG C 229 -8.09 41.16 7.14
N GLN C 230 -8.58 39.92 7.09
CA GLN C 230 -10.01 39.69 7.01
C GLN C 230 -10.35 38.38 7.71
N THR C 231 -11.63 38.23 8.05
CA THR C 231 -12.13 37.03 8.71
C THR C 231 -13.46 36.63 8.10
N PHE C 232 -13.62 35.35 7.80
CA PHE C 232 -14.82 34.81 7.19
C PHE C 232 -15.45 33.80 8.14
N THR C 233 -16.74 33.98 8.45
CA THR C 233 -17.39 33.25 9.53
C THR C 233 -18.77 32.73 9.10
N GLY C 234 -18.84 32.12 7.93
CA GLY C 234 -20.13 31.69 7.41
C GLY C 234 -20.54 30.26 7.70
N HIS C 235 -19.61 29.43 8.18
CA HIS C 235 -19.88 28.02 8.35
C HIS C 235 -20.52 27.72 9.70
N GLU C 236 -20.85 26.45 9.91
CA GLU C 236 -21.54 26.00 11.11
C GLU C 236 -20.74 25.00 11.93
N SER C 237 -19.64 24.46 11.38
CA SER C 237 -18.84 23.47 12.10
C SER C 237 -17.40 23.60 11.66
N ASP C 238 -16.57 22.64 12.05
CA ASP C 238 -15.14 22.70 11.80
C ASP C 238 -14.82 22.65 10.31
N ILE C 239 -13.84 23.47 9.91
CA ILE C 239 -13.41 23.53 8.52
C ILE C 239 -12.36 22.45 8.28
N ASN C 240 -12.53 21.68 7.22
CA ASN C 240 -11.66 20.55 6.93
C ASN C 240 -10.75 20.75 5.72
N ALA C 241 -11.18 21.51 4.71
CA ALA C 241 -10.41 21.69 3.49
C ALA C 241 -10.44 23.15 3.05
N ILE C 242 -9.37 23.59 2.39
CA ILE C 242 -9.23 24.95 1.88
C ILE C 242 -8.47 24.89 0.57
N CYS C 243 -8.90 25.67 -0.42
CA CYS C 243 -8.18 25.77 -1.68
C CYS C 243 -8.49 27.12 -2.33
N PHE C 244 -7.52 27.66 -3.06
CA PHE C 244 -7.70 28.92 -3.76
C PHE C 244 -8.33 28.73 -5.13
N PHE C 245 -9.13 29.70 -5.53
CA PHE C 245 -9.61 29.77 -6.91
C PHE C 245 -8.44 30.05 -7.84
N PRO C 246 -8.45 29.52 -9.07
CA PRO C 246 -7.30 29.69 -9.97
C PRO C 246 -6.93 31.14 -10.24
N ASN C 247 -7.92 32.03 -10.22
CA ASN C 247 -7.68 33.46 -10.42
C ASN C 247 -6.87 34.08 -9.28
N GLY C 248 -7.05 33.59 -8.06
CA GLY C 248 -6.40 34.19 -6.90
C GLY C 248 -7.23 35.21 -6.15
N ASN C 249 -8.53 35.30 -6.45
CA ASN C 249 -9.42 36.25 -5.78
C ASN C 249 -10.52 35.60 -4.96
N ALA C 250 -10.66 34.28 -5.00
CA ALA C 250 -11.69 33.57 -4.26
C ALA C 250 -11.12 32.28 -3.70
N PHE C 251 -11.88 31.63 -2.83
CA PHE C 251 -11.50 30.34 -2.26
C PHE C 251 -12.74 29.62 -1.76
N ALA C 252 -12.65 28.29 -1.66
CA ALA C 252 -13.77 27.46 -1.23
C ALA C 252 -13.36 26.58 -0.05
N THR C 253 -14.34 26.28 0.80
CA THR C 253 -14.09 25.55 2.04
C THR C 253 -14.97 24.31 2.10
N GLY C 254 -14.57 23.34 2.91
CA GLY C 254 -15.38 22.18 3.20
C GLY C 254 -15.38 21.91 4.69
N SER C 255 -16.51 21.40 5.19
CA SER C 255 -16.68 21.25 6.62
C SER C 255 -17.42 19.96 6.92
N ASP C 256 -17.42 19.60 8.20
CA ASP C 256 -18.16 18.44 8.70
C ASP C 256 -19.66 18.63 8.68
N ASP C 257 -20.14 19.79 8.23
CA ASP C 257 -21.56 20.07 8.07
C ASP C 257 -22.11 19.54 6.74
N ALA C 258 -21.25 18.92 5.93
CA ALA C 258 -21.63 18.33 4.64
C ALA C 258 -22.04 19.40 3.63
N THR C 259 -21.47 20.59 3.76
CA THR C 259 -21.71 21.67 2.80
C THR C 259 -20.36 22.29 2.42
N CYS C 260 -20.35 22.95 1.26
CA CYS C 260 -19.21 23.73 0.80
C CYS C 260 -19.68 25.12 0.47
N ARG C 261 -18.78 26.10 0.59
CA ARG C 261 -19.12 27.49 0.38
C ARG C 261 -18.01 28.18 -0.40
N LEU C 262 -18.39 29.21 -1.16
CA LEU C 262 -17.46 29.99 -1.96
C LEU C 262 -17.45 31.43 -1.47
N PHE C 263 -16.25 31.96 -1.22
CA PHE C 263 -16.08 33.27 -0.62
C PHE C 263 -15.33 34.18 -1.60
N ASP C 264 -15.49 35.48 -1.42
CA ASP C 264 -14.85 36.47 -2.27
C ASP C 264 -13.95 37.37 -1.44
N LEU C 265 -12.73 37.61 -1.94
CA LEU C 265 -11.76 38.39 -1.17
C LEU C 265 -12.04 39.88 -1.24
N ARG C 266 -12.46 40.40 -2.39
CA ARG C 266 -12.68 41.83 -2.57
C ARG C 266 -14.10 42.27 -2.24
N ALA C 267 -15.02 41.34 -1.99
CA ALA C 267 -16.34 41.66 -1.47
C ALA C 267 -16.54 41.20 -0.04
N ASP C 268 -15.70 40.29 0.45
CA ASP C 268 -15.66 39.88 1.85
C ASP C 268 -17.00 39.30 2.31
N GLN C 269 -17.59 38.42 1.50
CA GLN C 269 -18.81 37.75 1.88
C GLN C 269 -18.91 36.44 1.10
N GLU C 270 -20.03 35.74 1.28
CA GLU C 270 -20.27 34.42 0.71
C GLU C 270 -21.06 34.55 -0.58
N LEU C 271 -20.79 33.63 -1.52
CA LEU C 271 -21.41 33.68 -2.83
C LEU C 271 -22.32 32.49 -3.11
N MET C 272 -21.88 31.27 -2.80
CA MET C 272 -22.66 30.07 -3.09
C MET C 272 -22.54 29.07 -1.95
N THR C 273 -23.54 28.18 -1.87
CA THR C 273 -23.52 27.03 -0.98
C THR C 273 -23.76 25.77 -1.82
N TYR C 274 -22.90 24.78 -1.64
CA TYR C 274 -22.95 23.53 -2.42
C TYR C 274 -23.41 22.41 -1.48
N SER C 275 -24.72 22.18 -1.44
CA SER C 275 -25.28 21.18 -0.54
C SER C 275 -26.48 20.52 -1.18
N HIS C 276 -26.79 19.31 -0.71
CA HIS C 276 -27.97 18.57 -1.14
C HIS C 276 -28.52 17.76 0.04
N ASP C 277 -29.79 17.40 -0.07
CA ASP C 277 -30.47 16.74 1.05
C ASP C 277 -29.95 15.34 1.29
N ASN C 278 -29.56 14.63 0.23
CA ASN C 278 -29.20 13.23 0.34
C ASN C 278 -27.81 13.00 0.95
N ILE C 279 -26.94 14.01 0.94
CA ILE C 279 -25.59 13.87 1.45
C ILE C 279 -25.53 14.42 2.86
N ILE C 280 -25.14 13.57 3.81
CA ILE C 280 -25.12 13.94 5.22
C ILE C 280 -23.76 13.61 5.84
N CYS C 281 -22.74 13.46 5.00
CA CYS C 281 -21.39 13.14 5.46
C CYS C 281 -20.44 14.30 5.18
N GLY C 282 -19.46 14.46 6.07
CA GLY C 282 -18.55 15.58 5.98
C GLY C 282 -17.56 15.47 4.84
N ILE C 283 -16.97 16.61 4.50
CA ILE C 283 -16.01 16.71 3.40
C ILE C 283 -14.62 16.50 3.95
N THR C 284 -13.80 15.73 3.24
CA THR C 284 -12.42 15.49 3.66
C THR C 284 -11.42 16.28 2.83
N SER C 285 -11.76 16.66 1.60
CA SER C 285 -10.83 17.34 0.72
C SER C 285 -11.61 18.16 -0.29
N VAL C 286 -10.91 19.11 -0.92
CA VAL C 286 -11.50 19.98 -1.93
C VAL C 286 -10.42 20.36 -2.94
N SER C 287 -10.83 20.60 -4.18
CA SER C 287 -9.91 21.04 -5.23
C SER C 287 -10.70 21.61 -6.39
N PHE C 288 -10.06 22.47 -7.16
CA PHE C 288 -10.62 23.04 -8.38
C PHE C 288 -10.01 22.36 -9.60
N SER C 289 -10.63 22.60 -10.75
CA SER C 289 -10.06 22.18 -12.02
C SER C 289 -9.14 23.28 -12.55
N LYS C 290 -8.66 23.14 -13.78
CA LYS C 290 -7.71 24.11 -14.32
C LYS C 290 -8.38 25.45 -14.61
N SER C 291 -9.56 25.43 -15.21
CA SER C 291 -10.26 26.66 -15.58
C SER C 291 -11.20 27.17 -14.49
N GLY C 292 -11.35 26.44 -13.40
CA GLY C 292 -12.20 26.87 -12.30
C GLY C 292 -13.68 26.66 -12.53
N ARG C 293 -14.07 25.95 -13.59
CA ARG C 293 -15.50 25.73 -13.84
C ARG C 293 -16.05 24.64 -12.92
N LEU C 294 -15.24 23.62 -12.62
CA LEU C 294 -15.67 22.47 -11.83
C LEU C 294 -15.03 22.52 -10.46
N LEU C 295 -15.72 21.99 -9.46
CA LEU C 295 -15.22 21.88 -8.10
C LEU C 295 -15.36 20.43 -7.65
N LEU C 296 -14.27 19.83 -7.21
CA LEU C 296 -14.25 18.45 -6.77
C LEU C 296 -14.14 18.38 -5.26
N ALA C 297 -15.00 17.59 -4.63
CA ALA C 297 -15.02 17.43 -3.19
C ALA C 297 -15.00 15.94 -2.83
N GLY C 298 -14.07 15.57 -1.96
CA GLY C 298 -13.97 14.19 -1.50
C GLY C 298 -14.83 13.96 -0.28
N TYR C 299 -15.80 13.05 -0.38
CA TYR C 299 -16.77 12.88 0.68
C TYR C 299 -16.41 11.70 1.58
N ASP C 300 -17.14 11.60 2.68
CA ASP C 300 -17.00 10.53 3.66
C ASP C 300 -17.77 9.27 3.26
N ASP C 301 -18.65 9.36 2.28
CA ASP C 301 -19.43 8.20 1.82
C ASP C 301 -18.73 7.49 0.66
N PHE C 302 -17.44 7.20 0.85
CA PHE C 302 -16.65 6.37 -0.06
C PHE C 302 -16.65 6.86 -1.51
N ASN C 303 -16.98 8.11 -1.78
CA ASN C 303 -17.00 8.57 -3.16
C ASN C 303 -16.76 10.07 -3.23
N CYS C 304 -16.44 10.53 -4.43
CA CYS C 304 -16.17 11.94 -4.72
C CYS C 304 -17.24 12.48 -5.66
N ASN C 305 -17.54 13.77 -5.52
CA ASN C 305 -18.57 14.42 -6.32
C ASN C 305 -17.96 15.57 -7.11
N VAL C 306 -18.49 15.80 -8.31
CA VAL C 306 -18.09 16.91 -9.16
C VAL C 306 -19.27 17.87 -9.27
N TRP C 307 -19.03 19.14 -8.96
CA TRP C 307 -20.09 20.14 -8.89
C TRP C 307 -19.71 21.37 -9.68
N ASP C 308 -20.71 21.97 -10.33
CA ASP C 308 -20.48 23.22 -11.05
C ASP C 308 -20.17 24.35 -10.07
N ALA C 309 -19.19 25.17 -10.42
CA ALA C 309 -18.84 26.30 -9.55
C ALA C 309 -19.82 27.44 -9.70
N LEU C 310 -20.51 27.54 -10.84
CA LEU C 310 -21.38 28.67 -11.13
C LEU C 310 -22.87 28.35 -11.03
N LYS C 311 -23.24 27.10 -10.77
CA LYS C 311 -24.65 26.74 -10.67
C LYS C 311 -25.01 25.87 -9.48
N ALA C 312 -24.03 25.34 -8.75
CA ALA C 312 -24.26 24.54 -7.55
C ALA C 312 -25.07 23.29 -7.82
N ASP C 313 -24.94 22.69 -9.00
CA ASP C 313 -25.59 21.42 -9.31
C ASP C 313 -24.55 20.35 -9.61
N ARG C 314 -24.88 19.12 -9.26
CA ARG C 314 -23.95 18.00 -9.41
C ARG C 314 -23.85 17.61 -10.87
N ALA C 315 -22.62 17.36 -11.34
CA ALA C 315 -22.41 16.98 -12.73
C ALA C 315 -21.97 15.54 -12.90
N GLY C 316 -21.47 14.89 -11.86
CA GLY C 316 -21.01 13.52 -11.98
C GLY C 316 -20.59 12.97 -10.65
N VAL C 317 -20.17 11.70 -10.67
CA VAL C 317 -19.77 10.96 -9.48
C VAL C 317 -18.54 10.13 -9.82
N LEU C 318 -17.61 10.05 -8.88
CA LEU C 318 -16.37 9.31 -9.07
C LEU C 318 -16.25 8.15 -8.08
N ALA C 319 -17.31 7.36 -7.94
CA ALA C 319 -17.30 6.23 -7.02
C ALA C 319 -16.33 5.16 -7.51
N GLY C 320 -15.94 4.28 -6.59
CA GLY C 320 -14.99 3.24 -6.91
C GLY C 320 -13.97 2.95 -5.82
N HIS C 321 -14.11 3.59 -4.67
CA HIS C 321 -13.27 3.31 -3.51
C HIS C 321 -14.09 2.57 -2.47
N ASP C 322 -13.40 1.85 -1.59
CA ASP C 322 -14.05 1.01 -0.58
C ASP C 322 -13.96 1.58 0.83
N ASN C 323 -13.38 2.77 1.00
CA ASN C 323 -13.31 3.40 2.32
C ASN C 323 -13.31 4.91 2.11
N ARG C 324 -12.92 5.65 3.14
CA ARG C 324 -12.92 7.12 3.06
C ARG C 324 -11.99 7.60 1.97
N VAL C 325 -12.38 8.68 1.29
CA VAL C 325 -11.52 9.36 0.33
C VAL C 325 -10.83 10.48 1.12
N SER C 326 -9.64 10.16 1.63
CA SER C 326 -8.96 11.06 2.56
C SER C 326 -8.30 12.24 1.84
N CYS C 327 -7.74 11.99 0.66
CA CYS C 327 -6.97 13.02 -0.05
C CYS C 327 -7.34 13.03 -1.53
N LEU C 328 -7.08 14.17 -2.17
CA LEU C 328 -7.52 14.44 -3.53
C LEU C 328 -6.67 15.56 -4.12
N GLY C 329 -6.30 15.44 -5.40
CA GLY C 329 -5.46 16.44 -6.03
C GLY C 329 -5.58 16.42 -7.54
N VAL C 330 -5.26 17.56 -8.16
CA VAL C 330 -5.37 17.77 -9.60
C VAL C 330 -4.03 18.27 -10.12
N THR C 331 -3.61 17.77 -11.28
CA THR C 331 -2.31 18.10 -11.83
C THR C 331 -2.25 19.57 -12.27
N ASP C 332 -1.04 20.02 -12.57
CA ASP C 332 -0.85 21.42 -12.96
C ASP C 332 -1.45 21.71 -14.33
N ASP C 333 -1.26 20.80 -15.29
CA ASP C 333 -1.84 20.98 -16.62
C ASP C 333 -3.29 20.51 -16.68
N GLY C 334 -3.78 19.85 -15.65
CA GLY C 334 -5.19 19.50 -15.56
C GLY C 334 -5.64 18.33 -16.39
N MET C 335 -4.76 17.38 -16.67
CA MET C 335 -5.12 16.20 -17.47
C MET C 335 -5.54 15.01 -16.64
N ALA C 336 -5.46 15.09 -15.30
CA ALA C 336 -5.80 13.96 -14.46
C ALA C 336 -6.11 14.42 -13.06
N VAL C 337 -6.75 13.54 -12.29
CA VAL C 337 -7.04 13.76 -10.87
C VAL C 337 -6.73 12.47 -10.12
N ALA C 338 -6.01 12.60 -9.01
CA ALA C 338 -5.63 11.46 -8.19
C ALA C 338 -6.43 11.46 -6.90
N THR C 339 -6.77 10.26 -6.41
CA THR C 339 -7.67 10.07 -5.27
C THR C 339 -7.10 8.99 -4.36
N GLY C 340 -6.58 9.39 -3.21
CA GLY C 340 -6.17 8.43 -2.20
C GLY C 340 -7.31 8.05 -1.27
N SER C 341 -7.11 6.96 -0.53
CA SER C 341 -8.17 6.45 0.33
C SER C 341 -7.58 5.61 1.45
N TRP C 342 -8.44 5.22 2.38
CA TRP C 342 -8.07 4.39 3.51
C TRP C 342 -7.97 2.91 3.16
N ASP C 343 -8.30 2.53 1.93
CA ASP C 343 -8.16 1.16 1.47
C ASP C 343 -6.77 0.85 0.92
N SER C 344 -5.86 1.82 0.96
CA SER C 344 -4.45 1.72 0.52
C SER C 344 -4.30 1.65 -0.99
N PHE C 345 -5.19 2.26 -1.76
CA PHE C 345 -5.09 2.29 -3.22
C PHE C 345 -5.22 3.72 -3.72
N LEU C 346 -4.44 4.06 -4.73
CA LEU C 346 -4.48 5.37 -5.37
C LEU C 346 -5.05 5.20 -6.77
N LYS C 347 -6.03 6.01 -7.11
CA LYS C 347 -6.69 5.93 -8.41
C LYS C 347 -6.37 7.18 -9.23
N ILE C 348 -6.04 6.98 -10.49
CA ILE C 348 -5.80 8.07 -11.44
C ILE C 348 -6.97 8.09 -12.42
N TRP C 349 -7.74 9.17 -12.40
CA TRP C 349 -8.91 9.32 -13.24
C TRP C 349 -8.61 10.28 -14.38
N ASN C 350 -9.44 10.25 -15.40
CA ASN C 350 -9.25 11.10 -16.58
C ASN C 350 -10.52 11.15 -17.41
N ALA D 7 -3.42 40.46 32.45
CA ALA D 7 -4.83 40.60 32.82
C ALA D 7 -5.74 40.31 31.63
N SER D 8 -7.04 40.54 31.81
CA SER D 8 -8.01 40.31 30.74
C SER D 8 -8.23 41.54 29.87
N ILE D 9 -7.55 42.65 30.14
CA ILE D 9 -7.74 43.85 29.34
C ILE D 9 -6.85 43.88 28.11
N ALA D 10 -5.70 43.20 28.15
CA ALA D 10 -4.80 43.20 26.99
C ALA D 10 -5.45 42.53 25.79
N GLN D 11 -6.09 41.38 26.01
CA GLN D 11 -6.74 40.70 24.90
C GLN D 11 -7.93 41.50 24.38
N ALA D 12 -8.67 42.17 25.26
CA ALA D 12 -9.78 43.01 24.81
C ALA D 12 -9.28 44.18 23.98
N ARG D 13 -8.18 44.82 24.40
CA ARG D 13 -7.61 45.91 23.62
C ARG D 13 -7.11 45.42 22.26
N LYS D 14 -6.47 44.25 22.23
CA LYS D 14 -6.01 43.70 20.97
C LYS D 14 -7.18 43.39 20.04
N LEU D 15 -8.26 42.83 20.59
CA LEU D 15 -9.44 42.54 19.78
C LEU D 15 -10.07 43.82 19.24
N VAL D 16 -10.12 44.87 20.06
CA VAL D 16 -10.68 46.14 19.61
C VAL D 16 -9.83 46.72 18.49
N GLU D 17 -8.51 46.70 18.65
CA GLU D 17 -7.63 47.23 17.61
C GLU D 17 -7.76 46.44 16.31
N GLN D 18 -7.84 45.11 16.42
CA GLN D 18 -8.02 44.28 15.23
C GLN D 18 -9.35 44.57 14.54
N LEU D 19 -10.43 44.73 15.31
CA LEU D 19 -11.72 45.06 14.72
C LEU D 19 -11.68 46.41 14.02
N LYS D 20 -11.02 47.40 14.64
CA LYS D 20 -10.90 48.71 14.01
C LYS D 20 -10.12 48.62 12.70
N MET D 21 -9.03 47.86 12.69
CA MET D 21 -8.25 47.71 11.46
C MET D 21 -9.06 46.99 10.39
N GLU D 22 -9.82 45.97 10.78
CA GLU D 22 -10.63 45.22 9.82
C GLU D 22 -11.75 46.07 9.24
N ALA D 23 -12.33 46.97 10.03
CA ALA D 23 -13.48 47.74 9.57
C ALA D 23 -13.12 48.74 8.48
N ASN D 24 -11.83 49.07 8.34
CA ASN D 24 -11.42 50.12 7.41
C ASN D 24 -11.23 49.61 5.98
N ILE D 25 -11.44 48.32 5.73
CA ILE D 25 -11.25 47.76 4.39
C ILE D 25 -12.29 48.33 3.43
N ASP D 26 -12.05 48.16 2.14
CA ASP D 26 -12.95 48.64 1.10
C ASP D 26 -13.68 47.46 0.46
N ARG D 27 -14.91 47.71 0.02
CA ARG D 27 -15.76 46.67 -0.55
C ARG D 27 -16.23 47.08 -1.93
N ILE D 28 -16.40 46.10 -2.82
CA ILE D 28 -16.92 46.34 -4.15
C ILE D 28 -18.28 45.67 -4.28
N LYS D 29 -18.91 45.84 -5.44
CA LYS D 29 -20.23 45.27 -5.66
C LYS D 29 -20.13 43.78 -5.96
N VAL D 30 -21.17 43.03 -5.59
CA VAL D 30 -21.20 41.59 -5.82
C VAL D 30 -21.29 41.30 -7.32
N SER D 31 -22.06 42.10 -8.05
CA SER D 31 -22.25 41.86 -9.48
C SER D 31 -20.93 41.94 -10.24
N LYS D 32 -20.08 42.90 -9.88
CA LYS D 32 -18.79 43.03 -10.55
C LYS D 32 -17.92 41.80 -10.31
N ALA D 33 -17.90 41.29 -9.08
CA ALA D 33 -17.13 40.10 -8.77
C ALA D 33 -17.64 38.89 -9.55
N ALA D 34 -18.96 38.72 -9.60
CA ALA D 34 -19.53 37.62 -10.35
C ALA D 34 -19.20 37.73 -11.84
N ALA D 35 -19.26 38.96 -12.38
CA ALA D 35 -18.90 39.17 -13.78
C ALA D 35 -17.43 38.84 -14.03
N ASP D 36 -16.55 39.20 -13.10
CA ASP D 36 -15.13 38.88 -13.26
C ASP D 36 -14.91 37.37 -13.27
N LEU D 37 -15.55 36.64 -12.35
CA LEU D 37 -15.40 35.20 -12.33
C LEU D 37 -15.93 34.56 -13.61
N MET D 38 -17.11 35.02 -14.08
CA MET D 38 -17.66 34.49 -15.31
C MET D 38 -16.76 34.77 -16.51
N ALA D 39 -16.19 35.98 -16.58
CA ALA D 39 -15.30 36.31 -17.68
C ALA D 39 -14.06 35.43 -17.66
N TYR D 40 -13.48 35.19 -16.48
CA TYR D 40 -12.32 34.32 -16.39
C TYR D 40 -12.66 32.91 -16.86
N CYS D 41 -13.78 32.36 -16.39
CA CYS D 41 -14.15 31.00 -16.78
C CYS D 41 -14.41 30.90 -18.28
N GLU D 42 -15.12 31.87 -18.86
CA GLU D 42 -15.41 31.80 -20.29
C GLU D 42 -14.16 32.03 -21.13
N ALA D 43 -13.20 32.80 -20.63
CA ALA D 43 -11.97 33.02 -21.39
C ALA D 43 -11.05 31.80 -21.35
N HIS D 44 -11.00 31.08 -20.22
CA HIS D 44 -10.08 29.97 -20.06
C HIS D 44 -10.75 28.61 -20.23
N ALA D 45 -12.02 28.57 -20.64
CA ALA D 45 -12.67 27.29 -20.87
C ALA D 45 -12.03 26.48 -22.00
N LYS D 46 -11.32 27.14 -22.92
CA LYS D 46 -10.78 26.45 -24.09
C LYS D 46 -9.58 25.57 -23.74
N GLU D 47 -8.93 25.76 -22.60
CA GLU D 47 -7.73 25.04 -22.23
C GLU D 47 -7.94 24.20 -20.98
N ASP D 48 -9.10 23.56 -20.87
CA ASP D 48 -9.42 22.69 -19.73
C ASP D 48 -9.74 21.29 -20.23
N PRO D 49 -8.82 20.33 -20.10
CA PRO D 49 -9.06 18.98 -20.63
C PRO D 49 -10.00 18.13 -19.79
N LEU D 50 -10.58 18.65 -18.71
CA LEU D 50 -11.54 17.91 -17.91
C LEU D 50 -12.97 18.31 -18.17
N LEU D 51 -13.21 19.58 -18.47
CA LEU D 51 -14.57 20.02 -18.80
C LEU D 51 -15.02 19.45 -20.14
N THR D 52 -14.08 19.21 -21.05
CA THR D 52 -14.37 18.65 -22.36
C THR D 52 -13.63 17.34 -22.54
N PRO D 53 -14.19 16.39 -23.29
CA PRO D 53 -13.49 15.11 -23.50
C PRO D 53 -12.16 15.32 -24.21
N VAL D 54 -11.19 14.52 -23.82
CA VAL D 54 -9.84 14.58 -24.39
C VAL D 54 -9.75 13.63 -25.58
N PRO D 55 -9.09 14.01 -26.67
CA PRO D 55 -8.86 13.06 -27.77
C PRO D 55 -8.05 11.87 -27.31
N ALA D 56 -8.37 10.70 -27.86
CA ALA D 56 -7.70 9.47 -27.47
C ALA D 56 -6.23 9.49 -27.84
N SER D 57 -5.90 10.06 -29.01
CA SER D 57 -4.51 10.07 -29.46
C SER D 57 -3.61 10.89 -28.55
N GLU D 58 -4.07 12.05 -28.09
CA GLU D 58 -3.24 12.94 -27.30
C GLU D 58 -3.32 12.67 -25.80
N ASN D 59 -4.11 11.70 -25.38
CA ASN D 59 -4.24 11.41 -23.96
C ASN D 59 -2.97 10.74 -23.45
N PRO D 60 -2.28 11.29 -22.46
CA PRO D 60 -1.03 10.69 -21.99
C PRO D 60 -1.23 9.39 -21.21
N PHE D 61 -2.43 9.14 -20.68
CA PHE D 61 -2.71 7.96 -19.89
C PHE D 61 -3.45 6.88 -20.67
N ARG D 62 -3.59 7.06 -21.99
CA ARG D 62 -4.29 6.08 -22.81
C ARG D 62 -3.53 4.76 -22.89
N ASP E 1 33.58 12.22 -0.10
CA ASP E 1 34.69 11.92 -1.00
C ASP E 1 34.52 10.57 -1.68
N VAL E 2 33.97 10.60 -2.89
CA VAL E 2 33.77 9.37 -3.64
C VAL E 2 35.09 8.91 -4.22
N GLN E 3 35.42 7.64 -4.01
CA GLN E 3 36.72 7.09 -4.42
C GLN E 3 36.51 5.76 -5.13
N LEU E 4 37.17 5.59 -6.26
CA LEU E 4 37.21 4.31 -6.99
C LEU E 4 38.68 3.99 -7.21
N VAL E 5 39.18 2.95 -6.54
CA VAL E 5 40.60 2.59 -6.56
C VAL E 5 40.74 1.23 -7.20
N GLU E 6 41.65 1.11 -8.17
CA GLU E 6 41.87 -0.11 -8.92
C GLU E 6 43.29 -0.63 -8.70
N SER E 7 43.43 -1.94 -8.78
CA SER E 7 44.73 -2.59 -8.62
C SER E 7 44.70 -3.96 -9.30
N GLY E 8 45.88 -4.42 -9.70
CA GLY E 8 45.99 -5.74 -10.30
C GLY E 8 46.75 -5.77 -11.62
N GLY E 9 47.43 -4.68 -11.96
CA GLY E 9 48.18 -4.59 -13.19
C GLY E 9 49.55 -5.21 -13.09
N GLY E 10 50.26 -5.19 -14.21
CA GLY E 10 51.60 -5.74 -14.30
C GLY E 10 51.82 -6.40 -15.65
N LEU E 11 52.85 -7.25 -15.71
CA LEU E 11 53.21 -7.96 -16.93
C LEU E 11 52.79 -9.41 -16.83
N VAL E 12 52.07 -9.89 -17.84
CA VAL E 12 51.59 -11.26 -17.91
C VAL E 12 52.03 -11.86 -19.24
N GLN E 13 52.60 -13.06 -19.18
CA GLN E 13 52.98 -13.77 -20.38
C GLN E 13 51.75 -14.20 -21.16
N PRO E 14 51.86 -14.34 -22.48
CA PRO E 14 50.70 -14.75 -23.29
C PRO E 14 50.15 -16.11 -22.85
N GLY E 15 48.83 -16.23 -22.86
CA GLY E 15 48.17 -17.47 -22.51
C GLY E 15 47.86 -17.64 -21.04
N GLY E 16 48.26 -16.72 -20.19
CA GLY E 16 48.04 -16.83 -18.76
C GLY E 16 46.72 -16.24 -18.33
N SER E 17 46.61 -15.98 -17.03
CA SER E 17 45.42 -15.39 -16.44
C SER E 17 45.81 -14.39 -15.36
N ARG E 18 44.95 -13.41 -15.15
CA ARG E 18 45.20 -12.35 -14.18
C ARG E 18 43.88 -11.76 -13.75
N LYS E 19 43.80 -11.38 -12.47
CA LYS E 19 42.59 -10.84 -11.88
C LYS E 19 42.80 -9.39 -11.46
N LEU E 20 41.81 -8.55 -11.77
CA LEU E 20 41.83 -7.13 -11.40
C LEU E 20 40.63 -6.84 -10.50
N SER E 21 40.82 -5.90 -9.58
CA SER E 21 39.82 -5.60 -8.57
C SER E 21 39.61 -4.09 -8.46
N CYS E 22 38.37 -3.70 -8.16
CA CYS E 22 37.98 -2.31 -7.98
C CYS E 22 37.45 -2.14 -6.56
N SER E 23 38.09 -1.26 -5.78
CA SER E 23 37.72 -1.02 -4.39
C SER E 23 37.11 0.37 -4.27
N ALA E 24 35.87 0.43 -3.79
CA ALA E 24 35.09 1.66 -3.75
C ALA E 24 34.74 2.03 -2.32
N SER E 25 34.62 3.33 -2.08
CA SER E 25 34.22 3.84 -0.77
C SER E 25 33.67 5.25 -0.94
N GLY E 26 32.79 5.63 -0.01
CA GLY E 26 32.21 6.96 -0.02
C GLY E 26 30.80 7.05 -0.57
N PHE E 27 30.20 5.94 -0.98
CA PHE E 27 28.84 5.95 -1.50
C PHE E 27 28.25 4.55 -1.35
N ALA E 28 26.93 4.47 -1.53
CA ALA E 28 26.21 3.21 -1.40
C ALA E 28 26.53 2.33 -2.60
N PHE E 29 27.49 1.42 -2.43
CA PHE E 29 27.96 0.60 -3.55
C PHE E 29 26.87 -0.36 -4.05
N SER E 30 25.95 -0.76 -3.18
CA SER E 30 25.01 -1.81 -3.54
C SER E 30 23.87 -1.30 -4.42
N SER E 31 23.75 0.00 -4.64
CA SER E 31 22.65 0.58 -5.40
C SER E 31 23.08 1.06 -6.79
N PHE E 32 24.28 0.72 -7.23
CA PHE E 32 24.84 1.26 -8.46
C PHE E 32 25.20 0.13 -9.42
N GLY E 33 25.23 0.46 -10.72
CA GLY E 33 25.77 -0.43 -11.72
C GLY E 33 27.29 -0.41 -11.72
N MET E 34 27.86 -1.08 -12.71
CA MET E 34 29.32 -1.14 -12.80
C MET E 34 29.73 -1.57 -14.20
N HIS E 35 30.60 -0.79 -14.82
CA HIS E 35 31.11 -1.07 -16.16
C HIS E 35 32.62 -1.14 -16.12
N TRP E 36 33.22 -1.61 -17.21
CA TRP E 36 34.66 -1.81 -17.27
C TRP E 36 35.26 -1.28 -18.57
N VAL E 37 34.93 -0.06 -18.95
CA VAL E 37 35.47 0.56 -20.16
C VAL E 37 36.99 0.53 -20.13
N ARG E 38 37.60 0.26 -21.29
CA ARG E 38 39.05 0.20 -21.40
C ARG E 38 39.52 1.00 -22.61
N GLN E 39 40.77 1.46 -22.54
CA GLN E 39 41.36 2.31 -23.56
C GLN E 39 42.68 1.72 -24.02
N ALA E 40 42.84 1.63 -25.33
CA ALA E 40 44.09 1.15 -25.92
C ALA E 40 45.20 2.16 -25.68
N PRO E 41 46.46 1.73 -25.74
CA PRO E 41 47.56 2.67 -25.42
C PRO E 41 47.59 3.91 -26.28
N GLU E 42 47.22 3.81 -27.56
CA GLU E 42 47.24 4.97 -28.45
C GLU E 42 46.00 4.99 -29.32
N LYS E 43 44.83 4.73 -28.73
CA LYS E 43 43.57 4.70 -29.47
C LYS E 43 42.48 5.21 -28.55
N GLY E 44 41.23 4.99 -28.95
CA GLY E 44 40.07 5.47 -28.22
C GLY E 44 39.63 4.49 -27.14
N LEU E 45 38.36 4.63 -26.75
CA LEU E 45 37.78 3.84 -25.69
C LEU E 45 36.97 2.67 -26.27
N GLU E 46 36.72 1.67 -25.42
CA GLU E 46 35.95 0.50 -25.81
C GLU E 46 35.29 -0.11 -24.59
N TRP E 47 34.07 -0.62 -24.78
CA TRP E 47 33.28 -1.17 -23.69
C TRP E 47 33.54 -2.67 -23.54
N VAL E 48 33.55 -3.13 -22.30
CA VAL E 48 33.99 -4.50 -22.02
C VAL E 48 32.87 -5.33 -21.40
N ALA E 49 32.39 -4.95 -20.21
CA ALA E 49 31.45 -5.77 -19.47
C ALA E 49 30.50 -4.88 -18.67
N TYR E 50 29.61 -5.51 -17.92
CA TYR E 50 28.57 -4.80 -17.17
C TYR E 50 27.97 -5.74 -16.14
N ILE E 51 27.88 -5.29 -14.89
CA ILE E 51 27.25 -6.04 -13.82
C ILE E 51 26.18 -5.16 -13.19
N SER E 52 24.97 -5.71 -13.06
CA SER E 52 23.83 -4.94 -12.59
C SER E 52 23.86 -4.78 -11.07
N SER E 53 22.80 -4.19 -10.54
CA SER E 53 22.62 -4.13 -9.10
C SER E 53 21.87 -5.38 -8.64
N GLY E 54 22.39 -6.03 -7.61
CA GLY E 54 21.87 -7.32 -7.19
C GLY E 54 22.42 -8.49 -7.98
N SER E 55 23.29 -8.25 -8.96
CA SER E 55 23.96 -9.29 -9.74
C SER E 55 22.94 -10.18 -10.46
N GLY E 56 22.06 -9.56 -11.23
CA GLY E 56 21.02 -10.29 -11.91
C GLY E 56 21.06 -10.17 -13.43
N THR E 57 21.97 -9.37 -13.96
CA THR E 57 22.07 -9.16 -15.40
C THR E 57 23.50 -8.82 -15.76
N ILE E 58 24.09 -9.62 -16.64
CA ILE E 58 25.48 -9.44 -17.07
C ILE E 58 25.54 -9.45 -18.59
N TYR E 59 26.28 -8.50 -19.15
CA TYR E 59 26.57 -8.46 -20.58
C TYR E 59 28.08 -8.47 -20.79
N TYR E 60 28.50 -8.97 -21.94
CA TYR E 60 29.91 -9.00 -22.29
C TYR E 60 30.08 -8.53 -23.73
N ALA E 61 31.28 -8.05 -24.03
CA ALA E 61 31.62 -7.66 -25.38
C ALA E 61 31.79 -8.90 -26.26
N ASP E 62 31.62 -8.70 -27.57
CA ASP E 62 31.72 -9.82 -28.49
C ASP E 62 33.14 -10.37 -28.60
N THR E 63 34.15 -9.52 -28.47
CA THR E 63 35.53 -9.95 -28.60
C THR E 63 36.13 -10.49 -27.30
N VAL E 64 35.40 -10.43 -26.20
CA VAL E 64 35.94 -10.89 -24.91
C VAL E 64 34.95 -11.82 -24.23
N LYS E 65 33.98 -12.34 -25.00
CA LYS E 65 33.00 -13.26 -24.45
C LYS E 65 33.63 -14.62 -24.22
N GLY E 66 33.42 -15.16 -23.02
CA GLY E 66 33.97 -16.46 -22.66
C GLY E 66 35.32 -16.44 -21.98
N ARG E 67 36.21 -15.55 -22.42
CA ARG E 67 37.55 -15.48 -21.82
C ARG E 67 37.53 -14.77 -20.48
N PHE E 68 36.58 -13.87 -20.25
CA PHE E 68 36.54 -13.04 -19.06
C PHE E 68 35.19 -13.13 -18.37
N THR E 69 35.16 -12.81 -17.07
CA THR E 69 33.94 -12.79 -16.28
C THR E 69 34.04 -11.75 -15.19
N ILE E 70 32.88 -11.31 -14.69
CA ILE E 70 32.79 -10.21 -13.74
C ILE E 70 31.90 -10.62 -12.57
N SER E 71 32.27 -10.16 -11.37
CA SER E 71 31.49 -10.45 -10.17
C SER E 71 31.66 -9.31 -9.18
N ARG E 72 30.76 -9.27 -8.19
CA ARG E 72 30.78 -8.24 -7.17
C ARG E 72 30.51 -8.84 -5.79
N ASP E 73 30.97 -8.15 -4.76
CA ASP E 73 30.81 -8.56 -3.36
C ASP E 73 30.32 -7.33 -2.60
N ASP E 74 29.01 -7.24 -2.35
CA ASP E 74 28.48 -6.05 -1.71
C ASP E 74 29.02 -5.85 -0.30
N PRO E 75 29.07 -6.88 0.59
CA PRO E 75 29.66 -6.74 1.92
C PRO E 75 31.01 -6.04 1.98
N LYS E 76 31.92 -6.37 1.07
CA LYS E 76 33.26 -5.80 1.12
C LYS E 76 33.45 -4.60 0.20
N ASN E 77 32.41 -4.19 -0.54
CA ASN E 77 32.46 -3.04 -1.44
C ASN E 77 33.60 -3.18 -2.45
N THR E 78 33.54 -4.24 -3.26
CA THR E 78 34.59 -4.51 -4.23
C THR E 78 34.00 -5.17 -5.47
N LEU E 79 34.65 -4.93 -6.62
CA LEU E 79 34.27 -5.54 -7.88
C LEU E 79 35.49 -6.18 -8.51
N PHE E 80 35.31 -7.34 -9.13
CA PHE E 80 36.41 -8.13 -9.66
C PHE E 80 36.28 -8.28 -11.17
N LEU E 81 37.37 -8.75 -11.77
CA LEU E 81 37.40 -9.11 -13.19
C LEU E 81 38.43 -10.21 -13.38
N GLN E 82 37.98 -11.37 -13.83
CA GLN E 82 38.84 -12.53 -14.05
C GLN E 82 39.00 -12.74 -15.55
N MET E 83 40.23 -12.61 -16.04
CA MET E 83 40.53 -12.73 -17.47
C MET E 83 41.47 -13.90 -17.69
N THR E 84 41.13 -14.75 -18.66
CA THR E 84 41.91 -15.93 -18.98
C THR E 84 42.27 -15.94 -20.46
N SER E 85 43.41 -16.57 -20.77
CA SER E 85 43.91 -16.72 -22.13
C SER E 85 44.11 -15.36 -22.80
N LEU E 86 45.02 -14.59 -22.21
CA LEU E 86 45.33 -13.26 -22.70
C LEU E 86 46.06 -13.34 -24.04
N ARG E 87 45.72 -12.42 -24.93
CA ARG E 87 46.36 -12.30 -26.23
C ARG E 87 47.10 -10.97 -26.31
N SER E 88 47.67 -10.68 -27.48
CA SER E 88 48.42 -9.44 -27.67
C SER E 88 47.50 -8.25 -27.80
N GLU E 89 46.23 -8.47 -28.16
CA GLU E 89 45.27 -7.39 -28.31
C GLU E 89 44.59 -7.00 -27.02
N ASP E 90 44.94 -7.63 -25.90
CA ASP E 90 44.32 -7.34 -24.60
C ASP E 90 45.14 -6.39 -23.74
N THR E 91 46.18 -5.77 -24.29
CA THR E 91 46.95 -4.77 -23.53
C THR E 91 46.26 -3.42 -23.65
N ALA E 92 45.95 -2.81 -22.50
CA ALA E 92 45.20 -1.57 -22.47
C ALA E 92 45.21 -1.03 -21.05
N MET E 93 44.45 0.04 -20.83
CA MET E 93 44.19 0.58 -19.50
C MET E 93 42.71 0.39 -19.18
N TYR E 94 42.42 -0.03 -17.95
CA TYR E 94 41.06 -0.41 -17.56
C TYR E 94 40.51 0.58 -16.55
N TYR E 95 39.26 1.00 -16.75
CA TYR E 95 38.62 2.03 -15.94
C TYR E 95 37.41 1.45 -15.24
N CYS E 96 37.14 1.95 -14.04
CA CYS E 96 36.00 1.52 -13.23
C CYS E 96 34.97 2.64 -13.23
N VAL E 97 33.76 2.33 -13.70
CA VAL E 97 32.75 3.36 -13.93
C VAL E 97 31.52 3.11 -13.06
N ARG E 98 30.67 4.13 -12.93
CA ARG E 98 29.53 4.14 -12.02
C ARG E 98 28.29 4.58 -12.79
N SER E 99 27.14 4.00 -12.45
CA SER E 99 25.91 4.34 -13.16
C SER E 99 24.70 3.91 -12.36
N ILE E 100 23.65 4.73 -12.38
CA ILE E 100 22.37 4.43 -11.74
C ILE E 100 21.25 4.80 -12.70
N TYR E 101 20.24 3.95 -12.79
CA TYR E 101 19.15 4.11 -13.76
C TYR E 101 17.82 4.23 -13.03
N TYR E 102 17.23 5.42 -13.08
CA TYR E 102 15.83 5.64 -12.74
C TYR E 102 15.39 6.90 -13.47
N TYR E 103 14.13 7.31 -13.24
CA TYR E 103 13.58 8.45 -13.96
C TYR E 103 14.29 9.72 -13.50
N GLY E 104 15.14 10.27 -14.36
CA GLY E 104 15.85 11.49 -14.07
C GLY E 104 17.29 11.34 -13.64
N SER E 105 17.84 10.13 -13.69
CA SER E 105 19.21 9.90 -13.27
C SER E 105 20.19 10.29 -14.38
N SER E 106 21.48 10.36 -14.01
CA SER E 106 22.56 10.69 -14.92
C SER E 106 23.65 9.63 -14.82
N PRO E 107 23.57 8.57 -15.64
CA PRO E 107 24.57 7.51 -15.56
C PRO E 107 25.95 7.98 -16.03
N PHE E 108 26.96 7.17 -15.75
CA PHE E 108 28.34 7.40 -16.21
C PHE E 108 28.91 8.69 -15.64
N ASP E 109 28.62 8.96 -14.38
CA ASP E 109 29.03 10.24 -13.78
C ASP E 109 30.42 10.21 -13.17
N PHE E 110 30.83 9.10 -12.57
CA PHE E 110 32.13 9.02 -11.92
C PHE E 110 32.97 7.91 -12.52
N TRP E 111 34.24 8.21 -12.77
CA TRP E 111 35.19 7.29 -13.37
C TRP E 111 36.35 7.06 -12.42
N GLY E 112 36.98 5.90 -12.55
CA GLY E 112 38.11 5.52 -11.72
C GLY E 112 39.40 6.18 -12.16
N GLN E 113 40.51 5.57 -11.75
CA GLN E 113 41.85 6.08 -12.07
C GLN E 113 42.52 5.30 -13.20
N GLY E 114 42.59 3.99 -13.09
CA GLY E 114 43.12 3.15 -14.15
C GLY E 114 44.27 2.26 -13.76
N THR E 115 44.34 1.09 -14.39
CA THR E 115 45.43 0.14 -14.21
C THR E 115 45.98 -0.25 -15.57
N THR E 116 47.29 -0.37 -15.67
CA THR E 116 47.97 -0.68 -16.91
C THR E 116 48.29 -2.18 -16.94
N LEU E 117 47.80 -2.86 -17.97
CA LEU E 117 48.08 -4.28 -18.18
C LEU E 117 48.81 -4.45 -19.51
N THR E 118 50.00 -5.01 -19.46
CA THR E 118 50.84 -5.20 -20.64
C THR E 118 51.17 -6.67 -20.81
N VAL E 119 51.14 -7.14 -22.06
CA VAL E 119 51.44 -8.52 -22.39
C VAL E 119 52.60 -8.54 -23.39
N SER E 120 53.49 -9.50 -23.24
CA SER E 120 54.65 -9.60 -24.11
C SER E 120 54.25 -10.16 -25.47
N SER E 121 55.15 -9.98 -26.44
CA SER E 121 54.89 -10.43 -27.80
C SER E 121 54.87 -11.96 -27.85
N GLY E 122 53.95 -12.49 -28.65
CA GLY E 122 53.81 -13.94 -28.79
C GLY E 122 52.97 -14.35 -29.99
N SER E 136 23.74 -4.96 -37.43
CA SER E 136 24.28 -5.81 -36.38
C SER E 136 24.82 -4.97 -35.23
N ASP E 137 25.24 -3.75 -35.54
CA ASP E 137 25.81 -2.85 -34.55
C ASP E 137 25.64 -1.42 -35.05
N ILE E 138 25.73 -0.48 -34.11
CA ILE E 138 25.60 0.94 -34.41
C ILE E 138 27.01 1.54 -34.43
N VAL E 139 27.38 2.15 -35.54
CA VAL E 139 28.70 2.75 -35.70
C VAL E 139 28.57 4.26 -35.62
N MET E 140 29.42 4.88 -34.80
CA MET E 140 29.45 6.32 -34.62
C MET E 140 30.78 6.86 -35.11
N THR E 141 30.74 7.85 -35.99
CA THR E 141 31.93 8.39 -36.63
C THR E 141 32.02 9.89 -36.36
N GLN E 142 33.25 10.36 -36.18
CA GLN E 142 33.53 11.79 -36.00
C GLN E 142 34.27 12.28 -37.24
N ALA E 143 33.72 13.30 -37.90
CA ALA E 143 34.23 13.72 -39.20
C ALA E 143 35.59 14.41 -39.10
N THR E 144 35.97 14.91 -37.93
CA THR E 144 37.21 15.66 -37.77
C THR E 144 38.07 15.01 -36.68
N SER E 145 39.38 15.20 -36.80
CA SER E 145 40.33 14.67 -35.85
C SER E 145 41.15 15.73 -35.12
N SER E 146 41.24 16.94 -35.66
CA SER E 146 41.97 18.01 -35.00
C SER E 146 41.40 19.35 -35.45
N VAL E 147 41.19 20.26 -34.49
CA VAL E 147 40.60 21.56 -34.76
C VAL E 147 41.45 22.62 -34.08
N PRO E 148 42.02 23.61 -34.84
CA PRO E 148 42.77 24.71 -34.22
C PRO E 148 41.84 25.67 -33.46
N VAL E 149 42.31 26.20 -32.33
CA VAL E 149 41.52 27.06 -31.47
C VAL E 149 42.44 28.06 -30.78
N THR E 150 41.85 29.18 -30.34
CA THR E 150 42.52 30.23 -29.59
C THR E 150 41.60 30.68 -28.47
N PRO E 151 42.15 31.17 -27.35
CA PRO E 151 41.29 31.61 -26.25
C PRO E 151 40.37 32.75 -26.68
N GLY E 152 39.15 32.70 -26.17
CA GLY E 152 38.13 33.68 -26.50
C GLY E 152 37.28 33.35 -27.70
N GLU E 153 37.60 32.29 -28.43
CA GLU E 153 36.87 31.90 -29.62
C GLU E 153 35.83 30.83 -29.31
N SER E 154 35.05 30.49 -30.31
CA SER E 154 34.01 29.47 -30.20
C SER E 154 34.21 28.41 -31.27
N VAL E 155 34.03 27.14 -30.90
CA VAL E 155 34.20 26.01 -31.80
C VAL E 155 32.94 25.17 -31.78
N SER E 156 32.88 24.20 -32.70
CA SER E 156 31.74 23.29 -32.79
C SER E 156 32.25 21.90 -33.11
N ILE E 157 31.78 20.91 -32.35
CA ILE E 157 32.10 19.50 -32.57
C ILE E 157 30.85 18.82 -33.10
N SER E 158 31.04 17.76 -33.87
CA SER E 158 29.92 17.02 -34.44
C SER E 158 30.31 15.58 -34.70
N CYS E 159 29.37 14.66 -34.41
CA CYS E 159 29.54 13.26 -34.75
C CYS E 159 28.19 12.73 -35.21
N ARG E 160 28.22 11.73 -36.10
CA ARG E 160 27.02 11.18 -36.70
C ARG E 160 26.94 9.69 -36.45
N SER E 161 25.72 9.16 -36.47
CA SER E 161 25.46 7.75 -36.23
C SER E 161 24.84 7.12 -37.47
N SER E 162 24.88 5.78 -37.51
CA SER E 162 24.34 5.06 -38.65
C SER E 162 22.81 5.10 -38.65
N LYS E 163 22.20 4.86 -37.49
CA LYS E 163 20.75 4.83 -37.36
C LYS E 163 20.29 5.85 -36.32
N SER E 164 18.99 6.14 -36.35
CA SER E 164 18.42 7.14 -35.46
C SER E 164 18.47 6.66 -34.02
N LEU E 165 18.84 7.58 -33.11
CA LEU E 165 18.94 7.29 -31.69
C LEU E 165 17.68 7.68 -30.93
N LEU E 166 16.62 8.08 -31.62
CA LEU E 166 15.40 8.58 -30.98
C LEU E 166 14.43 7.42 -30.77
N HIS E 167 13.98 7.25 -29.53
CA HIS E 167 13.03 6.20 -29.20
C HIS E 167 11.60 6.75 -29.25
N SER E 168 10.63 5.85 -29.14
CA SER E 168 9.22 6.25 -29.19
C SER E 168 8.81 7.05 -27.96
N ASN E 169 9.52 6.90 -26.84
CA ASN E 169 9.17 7.63 -25.63
C ASN E 169 9.62 9.09 -25.64
N GLY E 170 10.43 9.49 -26.63
CA GLY E 170 10.86 10.86 -26.77
C GLY E 170 12.28 11.15 -26.34
N ASN E 171 12.93 10.21 -25.66
CA ASN E 171 14.31 10.40 -25.22
C ASN E 171 15.29 9.96 -26.29
N THR E 172 16.33 10.76 -26.51
CA THR E 172 17.42 10.41 -27.40
C THR E 172 18.68 10.19 -26.58
N TYR E 173 19.35 9.07 -26.84
CA TYR E 173 20.42 8.57 -25.99
C TYR E 173 21.78 8.88 -26.63
N LEU E 174 22.30 10.06 -26.31
CA LEU E 174 23.64 10.46 -26.73
C LEU E 174 24.37 11.10 -25.56
N TYR E 175 25.66 10.79 -25.42
CA TYR E 175 26.48 11.24 -24.30
C TYR E 175 27.77 11.87 -24.82
N TRP E 176 28.26 12.87 -24.10
CA TRP E 176 29.52 13.54 -24.42
C TRP E 176 30.48 13.43 -23.25
N PHE E 177 31.75 13.16 -23.54
CA PHE E 177 32.79 13.01 -22.53
C PHE E 177 33.99 13.88 -22.89
N LEU E 178 34.75 14.26 -21.87
CA LEU E 178 35.95 15.06 -22.04
C LEU E 178 37.10 14.43 -21.26
N GLN E 179 38.24 14.23 -21.94
CA GLN E 179 39.44 13.70 -21.31
C GLN E 179 40.58 14.70 -21.49
N ARG E 180 41.26 15.02 -20.40
CA ARG E 180 42.34 15.99 -20.44
C ARG E 180 43.69 15.29 -20.44
N PRO E 181 44.80 16.03 -20.56
CA PRO E 181 46.12 15.37 -20.61
C PRO E 181 46.48 14.74 -19.28
N GLY E 182 46.69 13.43 -19.30
CA GLY E 182 47.04 12.69 -18.09
C GLY E 182 45.96 12.68 -17.05
N GLN E 183 44.70 12.50 -17.45
CA GLN E 183 43.58 12.52 -16.53
C GLN E 183 42.53 11.52 -16.98
N SER E 184 41.66 11.15 -16.06
CA SER E 184 40.53 10.29 -16.40
C SER E 184 39.41 11.11 -17.01
N PRO E 185 38.60 10.51 -17.89
CA PRO E 185 37.53 11.28 -18.54
C PRO E 185 36.44 11.72 -17.57
N GLN E 186 35.52 12.53 -18.10
CA GLN E 186 34.51 13.20 -17.31
C GLN E 186 33.24 13.33 -18.13
N LEU E 187 32.11 13.48 -17.45
CA LEU E 187 30.82 13.64 -18.10
C LEU E 187 30.48 15.11 -18.27
N LEU E 188 30.02 15.47 -19.47
CA LEU E 188 29.56 16.83 -19.77
C LEU E 188 28.08 16.89 -20.06
N ILE E 189 27.59 16.12 -21.03
CA ILE E 189 26.20 16.18 -21.49
C ILE E 189 25.66 14.76 -21.51
N TYR E 190 24.43 14.58 -21.02
CA TYR E 190 23.73 13.30 -21.16
C TYR E 190 22.39 13.54 -21.83
N ARG E 191 22.05 12.67 -22.80
CA ARG E 191 20.84 12.77 -23.61
C ARG E 191 20.84 14.04 -24.48
N MET E 192 22.03 14.53 -24.80
CA MET E 192 22.30 15.55 -25.82
C MET E 192 21.88 16.95 -25.39
N SER E 193 21.15 17.05 -24.28
CA SER E 193 20.61 18.34 -23.86
C SER E 193 20.88 18.70 -22.41
N ASN E 194 21.10 17.72 -21.54
CA ASN E 194 21.13 17.94 -20.10
C ASN E 194 22.57 18.13 -19.65
N LEU E 195 22.82 19.20 -18.89
CA LEU E 195 24.16 19.47 -18.40
C LEU E 195 24.42 18.70 -17.11
N ALA E 196 25.64 18.19 -16.99
CA ALA E 196 26.04 17.44 -15.80
C ALA E 196 26.13 18.37 -14.59
N SER E 197 26.33 17.76 -13.43
CA SER E 197 26.39 18.51 -12.17
C SER E 197 27.83 18.92 -11.91
N GLY E 198 28.18 20.13 -12.35
CA GLY E 198 29.51 20.66 -12.14
C GLY E 198 30.09 21.32 -13.37
N VAL E 199 29.64 20.92 -14.55
CA VAL E 199 30.16 21.50 -15.79
C VAL E 199 29.69 22.95 -15.90
N PRO E 200 30.55 23.86 -16.36
CA PRO E 200 30.12 25.26 -16.50
C PRO E 200 29.12 25.43 -17.62
N ASP E 201 28.45 26.59 -17.60
CA ASP E 201 27.42 26.89 -18.60
C ASP E 201 28.01 27.16 -19.99
N ARG E 202 29.33 27.28 -20.12
CA ARG E 202 29.93 27.60 -21.41
C ARG E 202 29.74 26.49 -22.43
N PHE E 203 29.35 25.29 -22.00
CA PHE E 203 29.16 24.15 -22.90
C PHE E 203 27.67 23.86 -23.04
N SER E 204 27.22 23.68 -24.28
CA SER E 204 25.83 23.34 -24.55
C SER E 204 25.77 22.47 -25.80
N GLY E 205 24.85 21.51 -25.80
CA GLY E 205 24.73 20.56 -26.89
C GLY E 205 23.35 20.56 -27.50
N SER E 206 23.28 20.28 -28.80
CA SER E 206 22.01 20.24 -29.52
C SER E 206 22.17 19.35 -30.74
N GLY E 207 21.04 18.90 -31.26
CA GLY E 207 21.05 18.05 -32.44
C GLY E 207 19.67 17.47 -32.68
N SER E 208 19.55 16.79 -33.81
CA SER E 208 18.27 16.20 -34.19
C SER E 208 18.52 15.00 -35.09
N GLY E 209 17.69 13.96 -34.92
CA GLY E 209 17.75 12.78 -35.74
C GLY E 209 19.06 12.02 -35.63
N THR E 210 19.88 12.06 -36.68
CA THR E 210 21.15 11.37 -36.70
C THR E 210 22.36 12.30 -36.74
N ALA E 211 22.16 13.62 -36.82
CA ALA E 211 23.25 14.58 -36.82
C ALA E 211 23.27 15.27 -35.47
N PHE E 212 24.42 15.22 -34.79
CA PHE E 212 24.56 15.73 -33.44
C PHE E 212 25.72 16.72 -33.40
N THR E 213 25.53 17.83 -32.69
CA THR E 213 26.53 18.88 -32.61
C THR E 213 26.78 19.27 -31.16
N LEU E 214 27.99 19.75 -30.89
CA LEU E 214 28.36 20.29 -29.59
C LEU E 214 29.03 21.63 -29.81
N THR E 215 28.64 22.64 -29.04
CA THR E 215 29.20 23.97 -29.15
C THR E 215 29.73 24.44 -27.80
N ILE E 216 30.88 25.12 -27.83
CA ILE E 216 31.50 25.69 -26.65
C ILE E 216 31.87 27.13 -26.94
N SER E 217 31.50 28.03 -26.04
CA SER E 217 31.74 29.46 -26.20
C SER E 217 32.67 29.96 -25.11
N ARG E 218 33.47 30.98 -25.43
CA ARG E 218 34.41 31.60 -24.51
C ARG E 218 35.40 30.56 -23.96
N LEU E 219 36.18 30.00 -24.89
CA LEU E 219 37.12 28.95 -24.56
C LEU E 219 38.20 29.46 -23.63
N GLU E 220 38.57 28.64 -22.64
CA GLU E 220 39.66 28.92 -21.73
C GLU E 220 40.82 27.95 -22.01
N ALA E 221 41.85 28.00 -21.17
CA ALA E 221 43.00 27.12 -21.33
C ALA E 221 42.77 25.74 -20.73
N GLU E 222 41.67 25.54 -20.00
CA GLU E 222 41.37 24.26 -19.38
C GLU E 222 40.44 23.38 -20.21
N ASP E 223 40.06 23.83 -21.41
CA ASP E 223 39.14 23.08 -22.26
C ASP E 223 39.85 22.21 -23.29
N VAL E 224 41.18 22.14 -23.26
CA VAL E 224 41.93 21.35 -24.22
C VAL E 224 41.84 19.88 -23.84
N GLY E 225 41.75 19.02 -24.85
CA GLY E 225 41.64 17.59 -24.63
C GLY E 225 40.94 16.94 -25.80
N VAL E 226 40.51 15.70 -25.57
CA VAL E 226 39.83 14.89 -26.58
C VAL E 226 38.37 14.71 -26.16
N TYR E 227 37.47 14.82 -27.14
CA TYR E 227 36.04 14.76 -26.90
C TYR E 227 35.49 13.49 -27.55
N TYR E 228 34.78 12.68 -26.77
CA TYR E 228 34.18 11.44 -27.26
C TYR E 228 32.66 11.55 -27.22
N CYS E 229 32.01 10.90 -28.19
CA CYS E 229 30.56 10.83 -28.24
C CYS E 229 30.13 9.37 -28.25
N MET E 230 29.17 9.05 -27.38
CA MET E 230 28.77 7.67 -27.12
C MET E 230 27.25 7.55 -27.19
N GLN E 231 26.79 6.38 -27.63
CA GLN E 231 25.38 6.06 -27.68
C GLN E 231 25.02 5.03 -26.62
N HIS E 232 23.77 5.10 -26.14
CA HIS E 232 23.28 4.16 -25.14
C HIS E 232 21.92 3.59 -25.51
N LEU E 233 21.61 3.46 -26.79
CA LEU E 233 20.30 2.97 -27.21
C LEU E 233 20.17 1.47 -26.97
N GLU E 234 21.22 0.71 -27.30
CA GLU E 234 21.22 -0.72 -27.10
C GLU E 234 22.66 -1.19 -26.89
N TYR E 235 22.80 -2.34 -26.25
CA TYR E 235 24.11 -2.89 -25.93
C TYR E 235 24.71 -3.67 -27.10
N THR E 238 28.30 2.46 -28.75
CA THR E 238 29.76 2.38 -28.74
C THR E 238 30.38 3.76 -28.89
N PHE E 239 31.64 3.88 -28.50
CA PHE E 239 32.32 5.17 -28.53
C PHE E 239 32.75 5.53 -29.96
N GLY E 240 33.07 6.81 -30.14
CA GLY E 240 33.60 7.31 -31.39
C GLY E 240 35.11 7.42 -31.37
N ALA E 241 35.65 7.93 -32.47
CA ALA E 241 37.10 8.08 -32.59
C ALA E 241 37.63 9.21 -31.71
N GLY E 242 36.90 10.32 -31.63
CA GLY E 242 37.31 11.43 -30.79
C GLY E 242 38.12 12.48 -31.52
N THR E 243 37.82 13.76 -31.25
CA THR E 243 38.53 14.88 -31.82
C THR E 243 39.33 15.59 -30.73
N LYS E 244 40.43 16.21 -31.13
CA LYS E 244 41.36 16.86 -30.19
C LYS E 244 41.43 18.34 -30.50
N LEU E 245 41.26 19.17 -29.48
CA LEU E 245 41.45 20.60 -29.63
C LEU E 245 42.91 20.96 -29.39
N GLU E 246 43.45 21.82 -30.25
CA GLU E 246 44.85 22.24 -30.18
C GLU E 246 44.92 23.72 -29.83
N LEU E 247 45.78 24.04 -28.86
CA LEU E 247 45.95 25.41 -28.42
C LEU E 247 46.68 26.24 -29.49
C1 MEA F 1 -11.50 -60.75 -15.42
N MEA F 1 -12.80 -60.13 -15.26
CA MEA F 1 -12.92 -58.84 -15.92
C MEA F 1 -14.02 -58.05 -15.22
O MEA F 1 -15.22 -58.30 -15.32
CB MEA F 1 -13.24 -58.98 -17.42
CG MEA F 1 -13.31 -57.67 -18.10
CD1 MEA F 1 -14.55 -57.09 -18.42
CE1 MEA F 1 -14.61 -55.85 -19.05
CZ MEA F 1 -13.42 -55.19 -19.39
CE2 MEA F 1 -12.19 -55.76 -19.09
CD2 MEA F 1 -12.13 -56.99 -18.44
N LYS F 2 -13.56 -57.04 -14.48
CA LYS F 2 -14.47 -56.16 -13.75
C LYS F 2 -14.75 -54.90 -14.54
N PRO F 3 -16.00 -54.73 -15.00
CA PRO F 3 -16.39 -53.57 -15.81
C PRO F 3 -16.59 -52.31 -14.98
C1 ZAL F 4 -17.06 -47.61 -16.06
C2 ZAL F 4 -16.68 -47.42 -17.51
C3 ZAL F 4 -15.90 -46.13 -17.70
C4 ZAL F 4 -16.66 -44.93 -17.19
C5 ZAL F 4 -17.09 -45.12 -15.75
C6 ZAL F 4 -17.87 -46.42 -15.57
N ZAL F 4 -16.90 -51.19 -15.63
CA ZAL F 4 -17.19 -49.94 -14.95
CB ZAL F 4 -17.85 -48.90 -15.86
C ZAL F 4 -15.98 -49.28 -14.20
O ZAL F 4 -14.81 -49.38 -14.68
N ALC F 5 -16.25 -48.66 -13.07
CA ALC F 5 -15.25 -47.93 -12.31
C ALC F 5 -14.32 -48.88 -11.58
O ALC F 5 -14.14 -50.06 -11.88
CB ALC F 5 -15.83 -46.97 -11.27
CG ALC F 5 -15.40 -45.53 -11.44
CD2 ALC F 5 -16.60 -44.72 -11.92
CE2 ALC F 5 -16.25 -43.25 -12.06
CZ ALC F 5 -15.73 -42.69 -10.76
CE1 ALC F 5 -14.53 -43.48 -10.28
CD1 ALC F 5 -14.86 -44.95 -10.14
N DAR F 6 -13.68 -48.31 -10.56
CA DAR F 6 -12.73 -49.05 -9.73
CB DAR F 6 -13.09 -48.89 -8.25
CG DAR F 6 -14.24 -49.78 -7.79
CD DAR F 6 -14.79 -49.32 -6.45
NE DAR F 6 -15.73 -48.21 -6.61
CZ DAR F 6 -17.05 -48.33 -6.58
NH1 DAR F 6 -17.63 -49.50 -6.36
NH2 DAR F 6 -17.80 -47.26 -6.78
C DAR F 6 -11.31 -48.56 -9.97
O DAR F 6 -11.05 -47.86 -10.96
OXT DAR F 6 -10.40 -48.85 -9.21
#